data_1KPD
# 
_entry.id   1KPD 
# 
_audit_conform.dict_name       mmcif_pdbx.dic 
_audit_conform.dict_version    5.392 
_audit_conform.dict_location   http://mmcif.pdb.org/dictionaries/ascii/mmcif_pdbx.dic 
# 
loop_
_database_2.database_id 
_database_2.database_code 
_database_2.pdbx_database_accession 
_database_2.pdbx_DOI 
PDB   1KPD         pdb_00001kpd 10.2210/pdb1kpd/pdb 
WWPDB D_1000174475 ?            ?                   
# 
loop_
_pdbx_audit_revision_history.ordinal 
_pdbx_audit_revision_history.data_content_type 
_pdbx_audit_revision_history.major_revision 
_pdbx_audit_revision_history.minor_revision 
_pdbx_audit_revision_history.revision_date 
1 'Structure model' 1 0 1997-04-01 
2 'Structure model' 1 1 2008-03-24 
3 'Structure model' 1 2 2011-07-13 
4 'Structure model' 1 3 2022-02-23 
5 'Structure model' 1 4 2024-05-22 
# 
_pdbx_audit_revision_details.ordinal             1 
_pdbx_audit_revision_details.revision_ordinal    1 
_pdbx_audit_revision_details.data_content_type   'Structure model' 
_pdbx_audit_revision_details.provider            repository 
_pdbx_audit_revision_details.type                'Initial release' 
_pdbx_audit_revision_details.description         ? 
_pdbx_audit_revision_details.details             ? 
# 
loop_
_pdbx_audit_revision_group.ordinal 
_pdbx_audit_revision_group.revision_ordinal 
_pdbx_audit_revision_group.data_content_type 
_pdbx_audit_revision_group.group 
1 2 'Structure model' 'Version format compliance' 
2 3 'Structure model' 'Version format compliance' 
3 4 'Structure model' 'Database references'       
4 4 'Structure model' 'Derived calculations'      
5 4 'Structure model' Other                       
6 5 'Structure model' 'Data collection'           
# 
loop_
_pdbx_audit_revision_category.ordinal 
_pdbx_audit_revision_category.revision_ordinal 
_pdbx_audit_revision_category.data_content_type 
_pdbx_audit_revision_category.category 
1 4 'Structure model' database_2            
2 4 'Structure model' pdbx_database_status  
3 4 'Structure model' pdbx_struct_assembly  
4 4 'Structure model' pdbx_struct_oper_list 
5 5 'Structure model' chem_comp_atom        
6 5 'Structure model' chem_comp_bond        
# 
loop_
_pdbx_audit_revision_item.ordinal 
_pdbx_audit_revision_item.revision_ordinal 
_pdbx_audit_revision_item.data_content_type 
_pdbx_audit_revision_item.item 
1 4 'Structure model' '_database_2.pdbx_DOI'                
2 4 'Structure model' '_database_2.pdbx_database_accession' 
3 4 'Structure model' '_pdbx_database_status.process_site'  
# 
_pdbx_database_status.status_code                     REL 
_pdbx_database_status.entry_id                        1KPD 
_pdbx_database_status.recvd_initial_deposition_date   1997-01-02 
_pdbx_database_status.deposit_site                    ? 
_pdbx_database_status.process_site                    BNL 
_pdbx_database_status.status_code_sf                  ? 
_pdbx_database_status.status_code_mr                  REL 
_pdbx_database_status.SG_entry                        ? 
_pdbx_database_status.pdb_format_compatible           Y 
_pdbx_database_status.status_code_cs                  ? 
_pdbx_database_status.status_code_nmr_data            ? 
_pdbx_database_status.methods_development_category    ? 
# 
loop_
_audit_author.name 
_audit_author.pdbx_ordinal 
'Kang, H.'          1 
'Tinoco Junior, I.' 2 
# 
loop_
_citation.id 
_citation.title 
_citation.journal_abbrev 
_citation.journal_volume 
_citation.page_first 
_citation.page_last 
_citation.year 
_citation.journal_id_ASTM 
_citation.country 
_citation.journal_id_ISSN 
_citation.journal_id_CSD 
_citation.book_publisher 
_citation.pdbx_database_id_PubMed 
_citation.pdbx_database_id_DOI 
primary 'A mutant RNA pseudoknot that promotes ribosomal frameshifting in mouse mammary tumor virus.' 'Nucleic Acids Res.' 25  
1943 1949 1997 NARHAD UK 0305-1048 0389 ? 9115361 10.1093/nar/25.10.1943 
1       'Conformation of a Non-Frameshifting RNA Pseudoknot from Mouse Mammary Tumor Virus'           J.Mol.Biol.          259 135 
?    1996 JMOBAK UK 0022-2836 0070 ? ?       ?                      
# 
loop_
_citation_author.citation_id 
_citation_author.name 
_citation_author.ordinal 
_citation_author.identifier_ORCID 
primary 'Kang, H.'          1 ? 
primary 'Tinoco Jr., I.'    2 ? 
1       'Kang, H.'          3 ? 
1       'Hines, J.V.'       4 ? 
1       'Tinoco Junior, I.' 5 ? 
# 
_entity.id                         1 
_entity.type                       polymer 
_entity.src_method                 syn 
_entity.pdbx_description           'RNA PSEUDOKNOT APKA27G' 
_entity.formula_weight             10348.243 
_entity.pdbx_number_of_molecules   1 
_entity.pdbx_ec                    ? 
_entity.pdbx_mutation              ? 
_entity.pdbx_fragment              ? 
_entity.details                    ? 
# 
_entity_poly.entity_id                      1 
_entity_poly.type                           polyribonucleotide 
_entity_poly.nstd_linkage                   no 
_entity_poly.nstd_monomer                   no 
_entity_poly.pdbx_seq_one_letter_code       GGCGCAGUGGGCUAGCGCCACUCAAAGGCCCG 
_entity_poly.pdbx_seq_one_letter_code_can   GGCGCAGUGGGCUAGCGCCACUCAAAGGCCCG 
_entity_poly.pdbx_strand_id                 A 
_entity_poly.pdbx_target_identifier         ? 
# 
loop_
_entity_poly_seq.entity_id 
_entity_poly_seq.num 
_entity_poly_seq.mon_id 
_entity_poly_seq.hetero 
1 1  G n 
1 2  G n 
1 3  C n 
1 4  G n 
1 5  C n 
1 6  A n 
1 7  G n 
1 8  U n 
1 9  G n 
1 10 G n 
1 11 G n 
1 12 C n 
1 13 U n 
1 14 A n 
1 15 G n 
1 16 C n 
1 17 G n 
1 18 C n 
1 19 C n 
1 20 A n 
1 21 C n 
1 22 U n 
1 23 C n 
1 24 A n 
1 25 A n 
1 26 A n 
1 27 G n 
1 28 G n 
1 29 C n 
1 30 C n 
1 31 C n 
1 32 G n 
# 
loop_
_chem_comp.id 
_chem_comp.type 
_chem_comp.mon_nstd_flag 
_chem_comp.name 
_chem_comp.pdbx_synonyms 
_chem_comp.formula 
_chem_comp.formula_weight 
A 'RNA linking' y "ADENOSINE-5'-MONOPHOSPHATE" ? 'C10 H14 N5 O7 P' 347.221 
C 'RNA linking' y "CYTIDINE-5'-MONOPHOSPHATE"  ? 'C9 H14 N3 O8 P'  323.197 
G 'RNA linking' y "GUANOSINE-5'-MONOPHOSPHATE" ? 'C10 H14 N5 O8 P' 363.221 
U 'RNA linking' y "URIDINE-5'-MONOPHOSPHATE"   ? 'C9 H13 N2 O9 P'  324.181 
# 
loop_
_pdbx_poly_seq_scheme.asym_id 
_pdbx_poly_seq_scheme.entity_id 
_pdbx_poly_seq_scheme.seq_id 
_pdbx_poly_seq_scheme.mon_id 
_pdbx_poly_seq_scheme.ndb_seq_num 
_pdbx_poly_seq_scheme.pdb_seq_num 
_pdbx_poly_seq_scheme.auth_seq_num 
_pdbx_poly_seq_scheme.pdb_mon_id 
_pdbx_poly_seq_scheme.auth_mon_id 
_pdbx_poly_seq_scheme.pdb_strand_id 
_pdbx_poly_seq_scheme.pdb_ins_code 
_pdbx_poly_seq_scheme.hetero 
A 1 1  G 1  1  1  G G A . n 
A 1 2  G 2  2  2  G G A . n 
A 1 3  C 3  3  3  C C A . n 
A 1 4  G 4  4  4  G G A . n 
A 1 5  C 5  5  5  C C A . n 
A 1 6  A 6  6  6  A A A . n 
A 1 7  G 7  7  7  G G A . n 
A 1 8  U 8  8  8  U U A . n 
A 1 9  G 9  9  9  G G A . n 
A 1 10 G 10 10 10 G G A . n 
A 1 11 G 11 11 11 G G A . n 
A 1 12 C 12 12 12 C C A . n 
A 1 13 U 13 13 13 U U A . n 
A 1 14 A 14 14 14 A A A . n 
A 1 15 G 15 15 15 G G A . n 
A 1 16 C 16 16 16 C C A . n 
A 1 17 G 17 17 17 G G A . n 
A 1 18 C 18 18 18 C C A . n 
A 1 19 C 19 19 19 C C A . n 
A 1 20 A 20 20 20 A A A . n 
A 1 21 C 21 21 21 C C A . n 
A 1 22 U 22 22 22 U U A . n 
A 1 23 C 23 23 23 C C A . n 
A 1 24 A 24 24 24 A A A . n 
A 1 25 A 25 25 25 A A A . n 
A 1 26 A 26 26 26 A A A . n 
A 1 27 G 27 27 27 G G A . n 
A 1 28 G 28 28 28 G G A . n 
A 1 29 C 29 29 29 C C A . n 
A 1 30 C 30 30 30 C C A . n 
A 1 31 C 31 31 31 C C A . n 
A 1 32 G 32 32 32 G G A . n 
# 
_cell.entry_id           1KPD 
_cell.length_a           1.000 
_cell.length_b           1.000 
_cell.length_c           1.000 
_cell.angle_alpha        90.00 
_cell.angle_beta         90.00 
_cell.angle_gamma        90.00 
_cell.Z_PDB              1 
_cell.pdbx_unique_axis   ? 
# 
_symmetry.entry_id                         1KPD 
_symmetry.space_group_name_H-M             'P 1' 
_symmetry.pdbx_full_space_group_name_H-M   ? 
_symmetry.cell_setting                     ? 
_symmetry.Int_Tables_number                1 
# 
_exptl.entry_id          1KPD 
_exptl.method            'SOLUTION NMR' 
_exptl.crystals_number   ? 
# 
_struct.entry_id                  1KPD 
_struct.title                     
'A MUTANT RNA PSEUDOKNOT THAT PROMOTES RIBOSOMAL FRAMESHIFTING IN MOUSE MAMMARY TUMOR VIRUS, NMR, MINIMIZED AVERAGE STRUCTURE' 
_struct.pdbx_model_details        ? 
_struct.pdbx_CASP_flag            ? 
_struct.pdbx_model_type_details   ? 
# 
_struct_keywords.entry_id        1KPD 
_struct_keywords.pdbx_keywords   RNA 
_struct_keywords.text            'RIBONUCLEIC ACID, RNA PSEUDOKNOT, RNA' 
# 
_struct_asym.id                            A 
_struct_asym.pdbx_blank_PDB_chainid_flag   N 
_struct_asym.pdbx_modified                 N 
_struct_asym.entity_id                     1 
_struct_asym.details                       ? 
# 
_struct_ref.id                         1 
_struct_ref.entity_id                  1 
_struct_ref.db_name                    PDB 
_struct_ref.db_code                    1KPD 
_struct_ref.pdbx_db_accession          1KPD 
_struct_ref.pdbx_db_isoform            ? 
_struct_ref.pdbx_seq_one_letter_code   ? 
_struct_ref.pdbx_align_begin           ? 
# 
_struct_ref_seq.align_id                      1 
_struct_ref_seq.ref_id                        1 
_struct_ref_seq.pdbx_PDB_id_code              1KPD 
_struct_ref_seq.pdbx_strand_id                A 
_struct_ref_seq.seq_align_beg                 1 
_struct_ref_seq.pdbx_seq_align_beg_ins_code   ? 
_struct_ref_seq.seq_align_end                 32 
_struct_ref_seq.pdbx_seq_align_end_ins_code   ? 
_struct_ref_seq.pdbx_db_accession             1KPD 
_struct_ref_seq.db_align_beg                  1 
_struct_ref_seq.pdbx_db_align_beg_ins_code    ? 
_struct_ref_seq.db_align_end                  32 
_struct_ref_seq.pdbx_db_align_end_ins_code    ? 
_struct_ref_seq.pdbx_auth_seq_align_beg       1 
_struct_ref_seq.pdbx_auth_seq_align_end       32 
# 
_pdbx_struct_assembly.id                   1 
_pdbx_struct_assembly.details              author_defined_assembly 
_pdbx_struct_assembly.method_details       ? 
_pdbx_struct_assembly.oligomeric_details   monomeric 
_pdbx_struct_assembly.oligomeric_count     1 
# 
_pdbx_struct_assembly_gen.assembly_id       1 
_pdbx_struct_assembly_gen.oper_expression   1 
_pdbx_struct_assembly_gen.asym_id_list      A 
# 
_pdbx_struct_oper_list.id                   1 
_pdbx_struct_oper_list.type                 'identity operation' 
_pdbx_struct_oper_list.name                 1_555 
_pdbx_struct_oper_list.symmetry_operation   x,y,z 
_pdbx_struct_oper_list.matrix[1][1]         1.0000000000 
_pdbx_struct_oper_list.matrix[1][2]         0.0000000000 
_pdbx_struct_oper_list.matrix[1][3]         0.0000000000 
_pdbx_struct_oper_list.vector[1]            0.0000000000 
_pdbx_struct_oper_list.matrix[2][1]         0.0000000000 
_pdbx_struct_oper_list.matrix[2][2]         1.0000000000 
_pdbx_struct_oper_list.matrix[2][3]         0.0000000000 
_pdbx_struct_oper_list.vector[2]            0.0000000000 
_pdbx_struct_oper_list.matrix[3][1]         0.0000000000 
_pdbx_struct_oper_list.matrix[3][2]         0.0000000000 
_pdbx_struct_oper_list.matrix[3][3]         1.0000000000 
_pdbx_struct_oper_list.vector[3]            0.0000000000 
# 
_struct_biol.id   1 
# 
loop_
_struct_conn.id 
_struct_conn.conn_type_id 
_struct_conn.pdbx_leaving_atom_flag 
_struct_conn.pdbx_PDB_id 
_struct_conn.ptnr1_label_asym_id 
_struct_conn.ptnr1_label_comp_id 
_struct_conn.ptnr1_label_seq_id 
_struct_conn.ptnr1_label_atom_id 
_struct_conn.pdbx_ptnr1_label_alt_id 
_struct_conn.pdbx_ptnr1_PDB_ins_code 
_struct_conn.pdbx_ptnr1_standard_comp_id 
_struct_conn.ptnr1_symmetry 
_struct_conn.ptnr2_label_asym_id 
_struct_conn.ptnr2_label_comp_id 
_struct_conn.ptnr2_label_seq_id 
_struct_conn.ptnr2_label_atom_id 
_struct_conn.pdbx_ptnr2_label_alt_id 
_struct_conn.pdbx_ptnr2_PDB_ins_code 
_struct_conn.ptnr1_auth_asym_id 
_struct_conn.ptnr1_auth_comp_id 
_struct_conn.ptnr1_auth_seq_id 
_struct_conn.ptnr2_auth_asym_id 
_struct_conn.ptnr2_auth_comp_id 
_struct_conn.ptnr2_auth_seq_id 
_struct_conn.ptnr2_symmetry 
_struct_conn.pdbx_ptnr3_label_atom_id 
_struct_conn.pdbx_ptnr3_label_seq_id 
_struct_conn.pdbx_ptnr3_label_comp_id 
_struct_conn.pdbx_ptnr3_label_asym_id 
_struct_conn.pdbx_ptnr3_label_alt_id 
_struct_conn.pdbx_ptnr3_PDB_ins_code 
_struct_conn.details 
_struct_conn.pdbx_dist_value 
_struct_conn.pdbx_value_order 
_struct_conn.pdbx_role 
hydrog1  hydrog ? ? A G 1  N1 ? ? ? 1_555 A C 19 N3 ? ? A G 1  A C 19 1_555 ? ? ? ? ? ? WATSON-CRICK ? ? ? 
hydrog2  hydrog ? ? A G 1  N2 ? ? ? 1_555 A C 19 O2 ? ? A G 1  A C 19 1_555 ? ? ? ? ? ? WATSON-CRICK ? ? ? 
hydrog3  hydrog ? ? A G 1  O6 ? ? ? 1_555 A C 19 N4 ? ? A G 1  A C 19 1_555 ? ? ? ? ? ? WATSON-CRICK ? ? ? 
hydrog4  hydrog ? ? A G 2  N1 ? ? ? 1_555 A C 18 N3 ? ? A G 2  A C 18 1_555 ? ? ? ? ? ? WATSON-CRICK ? ? ? 
hydrog5  hydrog ? ? A G 2  N2 ? ? ? 1_555 A C 18 O2 ? ? A G 2  A C 18 1_555 ? ? ? ? ? ? WATSON-CRICK ? ? ? 
hydrog6  hydrog ? ? A G 2  O6 ? ? ? 1_555 A C 18 N4 ? ? A G 2  A C 18 1_555 ? ? ? ? ? ? WATSON-CRICK ? ? ? 
hydrog7  hydrog ? ? A C 3  N3 ? ? ? 1_555 A G 17 N1 ? ? A C 3  A G 17 1_555 ? ? ? ? ? ? WATSON-CRICK ? ? ? 
hydrog8  hydrog ? ? A C 3  N4 ? ? ? 1_555 A G 17 O6 ? ? A C 3  A G 17 1_555 ? ? ? ? ? ? WATSON-CRICK ? ? ? 
hydrog9  hydrog ? ? A C 3  O2 ? ? ? 1_555 A G 17 N2 ? ? A C 3  A G 17 1_555 ? ? ? ? ? ? WATSON-CRICK ? ? ? 
hydrog10 hydrog ? ? A G 4  N1 ? ? ? 1_555 A C 16 N3 ? ? A G 4  A C 16 1_555 ? ? ? ? ? ? WATSON-CRICK ? ? ? 
hydrog11 hydrog ? ? A G 4  N2 ? ? ? 1_555 A C 16 O2 ? ? A G 4  A C 16 1_555 ? ? ? ? ? ? WATSON-CRICK ? ? ? 
hydrog12 hydrog ? ? A G 4  O6 ? ? ? 1_555 A C 16 N4 ? ? A G 4  A C 16 1_555 ? ? ? ? ? ? WATSON-CRICK ? ? ? 
hydrog13 hydrog ? ? A C 5  N3 ? ? ? 1_555 A G 15 N1 ? ? A C 5  A G 15 1_555 ? ? ? ? ? ? WATSON-CRICK ? ? ? 
hydrog14 hydrog ? ? A C 5  N4 ? ? ? 1_555 A G 15 O6 ? ? A C 5  A G 15 1_555 ? ? ? ? ? ? WATSON-CRICK ? ? ? 
hydrog15 hydrog ? ? A C 5  O2 ? ? ? 1_555 A G 15 N2 ? ? A C 5  A G 15 1_555 ? ? ? ? ? ? WATSON-CRICK ? ? ? 
hydrog16 hydrog ? ? A G 9  N1 ? ? ? 1_555 A C 31 N3 ? ? A G 9  A C 31 1_555 ? ? ? ? ? ? WATSON-CRICK ? ? ? 
hydrog17 hydrog ? ? A G 9  N2 ? ? ? 1_555 A C 31 O2 ? ? A G 9  A C 31 1_555 ? ? ? ? ? ? WATSON-CRICK ? ? ? 
hydrog18 hydrog ? ? A G 9  O6 ? ? ? 1_555 A C 31 N4 ? ? A G 9  A C 31 1_555 ? ? ? ? ? ? WATSON-CRICK ? ? ? 
hydrog19 hydrog ? ? A G 10 N1 ? ? ? 1_555 A C 30 N3 ? ? A G 10 A C 30 1_555 ? ? ? ? ? ? WATSON-CRICK ? ? ? 
hydrog20 hydrog ? ? A G 10 N2 ? ? ? 1_555 A C 30 O2 ? ? A G 10 A C 30 1_555 ? ? ? ? ? ? WATSON-CRICK ? ? ? 
hydrog21 hydrog ? ? A G 10 O6 ? ? ? 1_555 A C 30 N4 ? ? A G 10 A C 30 1_555 ? ? ? ? ? ? WATSON-CRICK ? ? ? 
hydrog22 hydrog ? ? A G 10 N1 ? ? ? 1_555 A C 31 O2 ? ? A G 10 A C 31 1_555 ? ? ? ? ? ? 'G-C PAIR'   ? ? ? 
hydrog23 hydrog ? ? A G 11 N1 ? ? ? 1_555 A C 29 N3 ? ? A G 11 A C 29 1_555 ? ? ? ? ? ? WATSON-CRICK ? ? ? 
hydrog24 hydrog ? ? A G 11 N2 ? ? ? 1_555 A C 29 O2 ? ? A G 11 A C 29 1_555 ? ? ? ? ? ? WATSON-CRICK ? ? ? 
hydrog25 hydrog ? ? A G 11 O6 ? ? ? 1_555 A C 29 N4 ? ? A G 11 A C 29 1_555 ? ? ? ? ? ? WATSON-CRICK ? ? ? 
hydrog26 hydrog ? ? A C 12 N3 ? ? ? 1_555 A G 28 N1 ? ? A C 12 A G 28 1_555 ? ? ? ? ? ? WATSON-CRICK ? ? ? 
hydrog27 hydrog ? ? A C 12 N4 ? ? ? 1_555 A G 28 O6 ? ? A C 12 A G 28 1_555 ? ? ? ? ? ? WATSON-CRICK ? ? ? 
hydrog28 hydrog ? ? A C 12 O2 ? ? ? 1_555 A G 28 N2 ? ? A C 12 A G 28 1_555 ? ? ? ? ? ? WATSON-CRICK ? ? ? 
hydrog29 hydrog ? ? A U 13 N3 ? ? ? 1_555 A G 27 O6 ? ? A U 13 A G 27 1_555 ? ? ? ? ? ? TYPE_28_PAIR ? ? ? 
hydrog30 hydrog ? ? A U 13 O2 ? ? ? 1_555 A G 27 N1 ? ? A U 13 A G 27 1_555 ? ? ? ? ? ? TYPE_28_PAIR ? ? ? 
# 
_struct_conn_type.id          hydrog 
_struct_conn_type.criteria    ? 
_struct_conn_type.reference   ? 
# 
loop_
_pdbx_validate_close_contact.id 
_pdbx_validate_close_contact.PDB_model_num 
_pdbx_validate_close_contact.auth_atom_id_1 
_pdbx_validate_close_contact.auth_asym_id_1 
_pdbx_validate_close_contact.auth_comp_id_1 
_pdbx_validate_close_contact.auth_seq_id_1 
_pdbx_validate_close_contact.PDB_ins_code_1 
_pdbx_validate_close_contact.label_alt_id_1 
_pdbx_validate_close_contact.auth_atom_id_2 
_pdbx_validate_close_contact.auth_asym_id_2 
_pdbx_validate_close_contact.auth_comp_id_2 
_pdbx_validate_close_contact.auth_seq_id_2 
_pdbx_validate_close_contact.PDB_ins_code_2 
_pdbx_validate_close_contact.label_alt_id_2 
_pdbx_validate_close_contact.dist 
1 1 "O2'"  A C 5  ? ? "HO2'" A A 26 ? ? 1.44 
2 1 "HO2'" A C 19 ? ? "O4'"  A A 20 ? ? 1.48 
3 1 H41    A C 3  ? ? O6     A G 17 ? ? 1.60 
# 
_pdbx_nmr_ensemble.entry_id                             1KPD 
_pdbx_nmr_ensemble.conformers_calculated_total_number   ? 
_pdbx_nmr_ensemble.conformers_submitted_total_number    1 
_pdbx_nmr_ensemble.conformer_selection_criteria         ? 
# 
loop_
_chem_comp_atom.comp_id 
_chem_comp_atom.atom_id 
_chem_comp_atom.type_symbol 
_chem_comp_atom.pdbx_aromatic_flag 
_chem_comp_atom.pdbx_stereo_config 
_chem_comp_atom.pdbx_ordinal 
A OP3    O N N 1   
A P      P N N 2   
A OP1    O N N 3   
A OP2    O N N 4   
A "O5'"  O N N 5   
A "C5'"  C N N 6   
A "C4'"  C N R 7   
A "O4'"  O N N 8   
A "C3'"  C N S 9   
A "O3'"  O N N 10  
A "C2'"  C N R 11  
A "O2'"  O N N 12  
A "C1'"  C N R 13  
A N9     N Y N 14  
A C8     C Y N 15  
A N7     N Y N 16  
A C5     C Y N 17  
A C6     C Y N 18  
A N6     N N N 19  
A N1     N Y N 20  
A C2     C Y N 21  
A N3     N Y N 22  
A C4     C Y N 23  
A HOP3   H N N 24  
A HOP2   H N N 25  
A "H5'"  H N N 26  
A "H5''" H N N 27  
A "H4'"  H N N 28  
A "H3'"  H N N 29  
A "HO3'" H N N 30  
A "H2'"  H N N 31  
A "HO2'" H N N 32  
A "H1'"  H N N 33  
A H8     H N N 34  
A H61    H N N 35  
A H62    H N N 36  
A H2     H N N 37  
C OP3    O N N 38  
C P      P N N 39  
C OP1    O N N 40  
C OP2    O N N 41  
C "O5'"  O N N 42  
C "C5'"  C N N 43  
C "C4'"  C N R 44  
C "O4'"  O N N 45  
C "C3'"  C N S 46  
C "O3'"  O N N 47  
C "C2'"  C N R 48  
C "O2'"  O N N 49  
C "C1'"  C N R 50  
C N1     N N N 51  
C C2     C N N 52  
C O2     O N N 53  
C N3     N N N 54  
C C4     C N N 55  
C N4     N N N 56  
C C5     C N N 57  
C C6     C N N 58  
C HOP3   H N N 59  
C HOP2   H N N 60  
C "H5'"  H N N 61  
C "H5''" H N N 62  
C "H4'"  H N N 63  
C "H3'"  H N N 64  
C "HO3'" H N N 65  
C "H2'"  H N N 66  
C "HO2'" H N N 67  
C "H1'"  H N N 68  
C H41    H N N 69  
C H42    H N N 70  
C H5     H N N 71  
C H6     H N N 72  
G OP3    O N N 73  
G P      P N N 74  
G OP1    O N N 75  
G OP2    O N N 76  
G "O5'"  O N N 77  
G "C5'"  C N N 78  
G "C4'"  C N R 79  
G "O4'"  O N N 80  
G "C3'"  C N S 81  
G "O3'"  O N N 82  
G "C2'"  C N R 83  
G "O2'"  O N N 84  
G "C1'"  C N R 85  
G N9     N Y N 86  
G C8     C Y N 87  
G N7     N Y N 88  
G C5     C Y N 89  
G C6     C N N 90  
G O6     O N N 91  
G N1     N N N 92  
G C2     C N N 93  
G N2     N N N 94  
G N3     N N N 95  
G C4     C Y N 96  
G HOP3   H N N 97  
G HOP2   H N N 98  
G "H5'"  H N N 99  
G "H5''" H N N 100 
G "H4'"  H N N 101 
G "H3'"  H N N 102 
G "HO3'" H N N 103 
G "H2'"  H N N 104 
G "HO2'" H N N 105 
G "H1'"  H N N 106 
G H8     H N N 107 
G H1     H N N 108 
G H21    H N N 109 
G H22    H N N 110 
U OP3    O N N 111 
U P      P N N 112 
U OP1    O N N 113 
U OP2    O N N 114 
U "O5'"  O N N 115 
U "C5'"  C N N 116 
U "C4'"  C N R 117 
U "O4'"  O N N 118 
U "C3'"  C N S 119 
U "O3'"  O N N 120 
U "C2'"  C N R 121 
U "O2'"  O N N 122 
U "C1'"  C N R 123 
U N1     N N N 124 
U C2     C N N 125 
U O2     O N N 126 
U N3     N N N 127 
U C4     C N N 128 
U O4     O N N 129 
U C5     C N N 130 
U C6     C N N 131 
U HOP3   H N N 132 
U HOP2   H N N 133 
U "H5'"  H N N 134 
U "H5''" H N N 135 
U "H4'"  H N N 136 
U "H3'"  H N N 137 
U "HO3'" H N N 138 
U "H2'"  H N N 139 
U "HO2'" H N N 140 
U "H1'"  H N N 141 
U H3     H N N 142 
U H5     H N N 143 
U H6     H N N 144 
# 
loop_
_chem_comp_bond.comp_id 
_chem_comp_bond.atom_id_1 
_chem_comp_bond.atom_id_2 
_chem_comp_bond.value_order 
_chem_comp_bond.pdbx_aromatic_flag 
_chem_comp_bond.pdbx_stereo_config 
_chem_comp_bond.pdbx_ordinal 
A OP3   P      sing N N 1   
A OP3   HOP3   sing N N 2   
A P     OP1    doub N N 3   
A P     OP2    sing N N 4   
A P     "O5'"  sing N N 5   
A OP2   HOP2   sing N N 6   
A "O5'" "C5'"  sing N N 7   
A "C5'" "C4'"  sing N N 8   
A "C5'" "H5'"  sing N N 9   
A "C5'" "H5''" sing N N 10  
A "C4'" "O4'"  sing N N 11  
A "C4'" "C3'"  sing N N 12  
A "C4'" "H4'"  sing N N 13  
A "O4'" "C1'"  sing N N 14  
A "C3'" "O3'"  sing N N 15  
A "C3'" "C2'"  sing N N 16  
A "C3'" "H3'"  sing N N 17  
A "O3'" "HO3'" sing N N 18  
A "C2'" "O2'"  sing N N 19  
A "C2'" "C1'"  sing N N 20  
A "C2'" "H2'"  sing N N 21  
A "O2'" "HO2'" sing N N 22  
A "C1'" N9     sing N N 23  
A "C1'" "H1'"  sing N N 24  
A N9    C8     sing Y N 25  
A N9    C4     sing Y N 26  
A C8    N7     doub Y N 27  
A C8    H8     sing N N 28  
A N7    C5     sing Y N 29  
A C5    C6     sing Y N 30  
A C5    C4     doub Y N 31  
A C6    N6     sing N N 32  
A C6    N1     doub Y N 33  
A N6    H61    sing N N 34  
A N6    H62    sing N N 35  
A N1    C2     sing Y N 36  
A C2    N3     doub Y N 37  
A C2    H2     sing N N 38  
A N3    C4     sing Y N 39  
C OP3   P      sing N N 40  
C OP3   HOP3   sing N N 41  
C P     OP1    doub N N 42  
C P     OP2    sing N N 43  
C P     "O5'"  sing N N 44  
C OP2   HOP2   sing N N 45  
C "O5'" "C5'"  sing N N 46  
C "C5'" "C4'"  sing N N 47  
C "C5'" "H5'"  sing N N 48  
C "C5'" "H5''" sing N N 49  
C "C4'" "O4'"  sing N N 50  
C "C4'" "C3'"  sing N N 51  
C "C4'" "H4'"  sing N N 52  
C "O4'" "C1'"  sing N N 53  
C "C3'" "O3'"  sing N N 54  
C "C3'" "C2'"  sing N N 55  
C "C3'" "H3'"  sing N N 56  
C "O3'" "HO3'" sing N N 57  
C "C2'" "O2'"  sing N N 58  
C "C2'" "C1'"  sing N N 59  
C "C2'" "H2'"  sing N N 60  
C "O2'" "HO2'" sing N N 61  
C "C1'" N1     sing N N 62  
C "C1'" "H1'"  sing N N 63  
C N1    C2     sing N N 64  
C N1    C6     sing N N 65  
C C2    O2     doub N N 66  
C C2    N3     sing N N 67  
C N3    C4     doub N N 68  
C C4    N4     sing N N 69  
C C4    C5     sing N N 70  
C N4    H41    sing N N 71  
C N4    H42    sing N N 72  
C C5    C6     doub N N 73  
C C5    H5     sing N N 74  
C C6    H6     sing N N 75  
G OP3   P      sing N N 76  
G OP3   HOP3   sing N N 77  
G P     OP1    doub N N 78  
G P     OP2    sing N N 79  
G P     "O5'"  sing N N 80  
G OP2   HOP2   sing N N 81  
G "O5'" "C5'"  sing N N 82  
G "C5'" "C4'"  sing N N 83  
G "C5'" "H5'"  sing N N 84  
G "C5'" "H5''" sing N N 85  
G "C4'" "O4'"  sing N N 86  
G "C4'" "C3'"  sing N N 87  
G "C4'" "H4'"  sing N N 88  
G "O4'" "C1'"  sing N N 89  
G "C3'" "O3'"  sing N N 90  
G "C3'" "C2'"  sing N N 91  
G "C3'" "H3'"  sing N N 92  
G "O3'" "HO3'" sing N N 93  
G "C2'" "O2'"  sing N N 94  
G "C2'" "C1'"  sing N N 95  
G "C2'" "H2'"  sing N N 96  
G "O2'" "HO2'" sing N N 97  
G "C1'" N9     sing N N 98  
G "C1'" "H1'"  sing N N 99  
G N9    C8     sing Y N 100 
G N9    C4     sing Y N 101 
G C8    N7     doub Y N 102 
G C8    H8     sing N N 103 
G N7    C5     sing Y N 104 
G C5    C6     sing N N 105 
G C5    C4     doub Y N 106 
G C6    O6     doub N N 107 
G C6    N1     sing N N 108 
G N1    C2     sing N N 109 
G N1    H1     sing N N 110 
G C2    N2     sing N N 111 
G C2    N3     doub N N 112 
G N2    H21    sing N N 113 
G N2    H22    sing N N 114 
G N3    C4     sing N N 115 
U OP3   P      sing N N 116 
U OP3   HOP3   sing N N 117 
U P     OP1    doub N N 118 
U P     OP2    sing N N 119 
U P     "O5'"  sing N N 120 
U OP2   HOP2   sing N N 121 
U "O5'" "C5'"  sing N N 122 
U "C5'" "C4'"  sing N N 123 
U "C5'" "H5'"  sing N N 124 
U "C5'" "H5''" sing N N 125 
U "C4'" "O4'"  sing N N 126 
U "C4'" "C3'"  sing N N 127 
U "C4'" "H4'"  sing N N 128 
U "O4'" "C1'"  sing N N 129 
U "C3'" "O3'"  sing N N 130 
U "C3'" "C2'"  sing N N 131 
U "C3'" "H3'"  sing N N 132 
U "O3'" "HO3'" sing N N 133 
U "C2'" "O2'"  sing N N 134 
U "C2'" "C1'"  sing N N 135 
U "C2'" "H2'"  sing N N 136 
U "O2'" "HO2'" sing N N 137 
U "C1'" N1     sing N N 138 
U "C1'" "H1'"  sing N N 139 
U N1    C2     sing N N 140 
U N1    C6     sing N N 141 
U C2    O2     doub N N 142 
U C2    N3     sing N N 143 
U N3    C4     sing N N 144 
U N3    H3     sing N N 145 
U C4    O4     doub N N 146 
U C4    C5     sing N N 147 
U C5    C6     doub N N 148 
U C5    H5     sing N N 149 
U C6    H6     sing N N 150 
# 
loop_
_ndb_struct_conf_na.entry_id 
_ndb_struct_conf_na.feature 
1KPD 'a-form double helix'  
1KPD 'mismatched base pair' 
# 
loop_
_ndb_struct_na_base_pair.model_number 
_ndb_struct_na_base_pair.i_label_asym_id 
_ndb_struct_na_base_pair.i_label_comp_id 
_ndb_struct_na_base_pair.i_label_seq_id 
_ndb_struct_na_base_pair.i_symmetry 
_ndb_struct_na_base_pair.j_label_asym_id 
_ndb_struct_na_base_pair.j_label_comp_id 
_ndb_struct_na_base_pair.j_label_seq_id 
_ndb_struct_na_base_pair.j_symmetry 
_ndb_struct_na_base_pair.shear 
_ndb_struct_na_base_pair.stretch 
_ndb_struct_na_base_pair.stagger 
_ndb_struct_na_base_pair.buckle 
_ndb_struct_na_base_pair.propeller 
_ndb_struct_na_base_pair.opening 
_ndb_struct_na_base_pair.pair_number 
_ndb_struct_na_base_pair.pair_name 
_ndb_struct_na_base_pair.i_auth_asym_id 
_ndb_struct_na_base_pair.i_auth_seq_id 
_ndb_struct_na_base_pair.i_PDB_ins_code 
_ndb_struct_na_base_pair.j_auth_asym_id 
_ndb_struct_na_base_pair.j_auth_seq_id 
_ndb_struct_na_base_pair.j_PDB_ins_code 
_ndb_struct_na_base_pair.hbond_type_28 
_ndb_struct_na_base_pair.hbond_type_12 
1 A G 1  1_555 A C 19 1_555 -0.515 -0.262 -1.181 -39.210 -14.839 -2.607 1  A_G1:C19_A  A 1  ? A 19 ? 19 1 
1 A G 2  1_555 A C 18 1_555 -0.389 -0.307 -0.164 -22.020 3.252   -3.691 2  A_G2:C18_A  A 2  ? A 18 ? 19 1 
1 A C 3  1_555 A G 17 1_555 0.425  -0.363 -0.072 -7.844  -0.600  -4.319 3  A_C3:G17_A  A 3  ? A 17 ? 19 1 
1 A G 4  1_555 A C 16 1_555 -0.424 -0.400 -0.550 0.705   -4.075  -2.405 4  A_G4:C16_A  A 4  ? A 16 ? 19 1 
1 A C 5  1_555 A G 15 1_555 0.406  -0.256 -0.929 31.459  -0.677  -4.856 5  A_C5:G15_A  A 5  ? A 15 ? 19 1 
1 A G 9  1_555 A C 31 1_555 -0.507 -0.318 -0.991 -31.383 -13.356 -2.913 6  A_G9:C31_A  A 9  ? A 31 ? 19 1 
1 A G 10 1_555 A C 30 1_555 -0.420 -0.311 -0.553 -21.136 -7.171  -4.397 7  A_G10:C30_A A 10 ? A 30 ? 19 1 
1 A G 11 1_555 A C 29 1_555 -0.467 -0.348 -0.349 -11.826 -13.653 -2.992 8  A_G11:C29_A A 11 ? A 29 ? 19 1 
1 A C 12 1_555 A G 28 1_555 0.624  -0.386 0.214  -3.390  19.238  1.371  9  A_C12:G28_A A 12 ? A 28 ? 19 1 
1 A U 13 1_555 A G 27 1_555 2.297  -0.363 -0.821 28.640  14.337  6.526  10 A_U13:G27_A A 13 ? A 27 ? 28 1 
# 
loop_
_ndb_struct_na_base_pair_step.model_number 
_ndb_struct_na_base_pair_step.i_label_asym_id_1 
_ndb_struct_na_base_pair_step.i_label_comp_id_1 
_ndb_struct_na_base_pair_step.i_label_seq_id_1 
_ndb_struct_na_base_pair_step.i_symmetry_1 
_ndb_struct_na_base_pair_step.j_label_asym_id_1 
_ndb_struct_na_base_pair_step.j_label_comp_id_1 
_ndb_struct_na_base_pair_step.j_label_seq_id_1 
_ndb_struct_na_base_pair_step.j_symmetry_1 
_ndb_struct_na_base_pair_step.i_label_asym_id_2 
_ndb_struct_na_base_pair_step.i_label_comp_id_2 
_ndb_struct_na_base_pair_step.i_label_seq_id_2 
_ndb_struct_na_base_pair_step.i_symmetry_2 
_ndb_struct_na_base_pair_step.j_label_asym_id_2 
_ndb_struct_na_base_pair_step.j_label_comp_id_2 
_ndb_struct_na_base_pair_step.j_label_seq_id_2 
_ndb_struct_na_base_pair_step.j_symmetry_2 
_ndb_struct_na_base_pair_step.shift 
_ndb_struct_na_base_pair_step.slide 
_ndb_struct_na_base_pair_step.rise 
_ndb_struct_na_base_pair_step.tilt 
_ndb_struct_na_base_pair_step.roll 
_ndb_struct_na_base_pair_step.twist 
_ndb_struct_na_base_pair_step.x_displacement 
_ndb_struct_na_base_pair_step.y_displacement 
_ndb_struct_na_base_pair_step.helical_rise 
_ndb_struct_na_base_pair_step.inclination 
_ndb_struct_na_base_pair_step.tip 
_ndb_struct_na_base_pair_step.helical_twist 
_ndb_struct_na_base_pair_step.step_number 
_ndb_struct_na_base_pair_step.step_name 
_ndb_struct_na_base_pair_step.i_auth_asym_id_1 
_ndb_struct_na_base_pair_step.i_auth_seq_id_1 
_ndb_struct_na_base_pair_step.i_PDB_ins_code_1 
_ndb_struct_na_base_pair_step.j_auth_asym_id_1 
_ndb_struct_na_base_pair_step.j_auth_seq_id_1 
_ndb_struct_na_base_pair_step.j_PDB_ins_code_1 
_ndb_struct_na_base_pair_step.i_auth_asym_id_2 
_ndb_struct_na_base_pair_step.i_auth_seq_id_2 
_ndb_struct_na_base_pair_step.i_PDB_ins_code_2 
_ndb_struct_na_base_pair_step.j_auth_asym_id_2 
_ndb_struct_na_base_pair_step.j_auth_seq_id_2 
_ndb_struct_na_base_pair_step.j_PDB_ins_code_2 
1 A G 1  1_555 A C 19 1_555 A G 2  1_555 A C 18 1_555 -0.870 -1.171 3.156 -6.355 -8.612 31.878 -0.562 0.425  3.453 -15.155 11.183  
33.583 1 AA_G1G2:C18C19_AA   A 1  ? A 19 ? A 2  ? A 18 ? 
1 A G 2  1_555 A C 18 1_555 A C 3  1_555 A G 17 1_555 -0.293 -0.859 3.065 -1.282 12.613 35.474 -2.807 0.304  2.628 19.932  2.026   
37.603 2 AA_G2C3:G17C18_AA   A 2  ? A 18 ? A 3  ? A 17 ? 
1 A C 3  1_555 A G 17 1_555 A G 4  1_555 A C 16 1_555 0.116  -1.287 3.620 2.948  -4.508 24.501 -1.439 0.730  3.780 -10.462 -6.840  
25.078 3 AA_C3G4:C16G17_AA   A 3  ? A 17 ? A 4  ? A 16 ? 
1 A G 4  1_555 A C 16 1_555 A C 5  1_555 A G 15 1_555 -0.078 -0.611 2.638 0.726  5.609  32.944 -1.798 0.231  2.501 9.800   -1.269  
33.413 4 AA_G4C5:G15C16_AA   A 4  ? A 16 ? A 5  ? A 15 ? 
1 A G 9  1_555 A C 31 1_555 A G 10 1_555 A C 30 1_555 -0.186 -1.098 3.102 -3.873 5.353  31.482 -2.869 -0.305 2.883 9.732   7.042   
32.151 5 AA_G9G10:C30C31_AA  A 9  ? A 31 ? A 10 ? A 30 ? 
1 A G 10 1_555 A C 30 1_555 A G 11 1_555 A C 29 1_555 0.306  -1.135 3.203 -1.767 2.978  31.368 -2.619 -0.879 3.063 5.488   3.256   
31.554 6 AA_G10G11:C29C30_AA A 10 ? A 30 ? A 11 ? A 29 ? 
1 A G 11 1_555 A C 29 1_555 A C 12 1_555 A G 28 1_555 0.335  -1.443 3.617 -5.934 -1.636 33.661 -2.167 -1.606 3.572 -2.796  10.142  
34.203 7 AA_G11C12:G28C29_AA A 11 ? A 29 ? A 12 ? A 28 ? 
1 A C 12 1_555 A G 28 1_555 A U 13 1_555 A G 27 1_555 0.461  -1.300 2.699 6.323  -1.915 27.683 -2.270 0.302  2.815 -3.931  -12.981 
28.445 8 AA_C12U13:G27G28_AA A 12 ? A 28 ? A 13 ? A 27 ? 
# 
_atom_sites.entry_id                    1KPD 
_atom_sites.fract_transf_matrix[1][1]   1.000000 
_atom_sites.fract_transf_matrix[1][2]   0.000000 
_atom_sites.fract_transf_matrix[1][3]   0.000000 
_atom_sites.fract_transf_matrix[2][1]   0.000000 
_atom_sites.fract_transf_matrix[2][2]   1.000000 
_atom_sites.fract_transf_matrix[2][3]   0.000000 
_atom_sites.fract_transf_matrix[3][1]   0.000000 
_atom_sites.fract_transf_matrix[3][2]   0.000000 
_atom_sites.fract_transf_matrix[3][3]   1.000000 
_atom_sites.fract_transf_vector[1]      0.00000 
_atom_sites.fract_transf_vector[2]      0.00000 
_atom_sites.fract_transf_vector[3]      0.00000 
# 
loop_
_atom_type.symbol 
C 
H 
N 
O 
P 
# 
loop_
_atom_site.group_PDB 
_atom_site.id 
_atom_site.type_symbol 
_atom_site.label_atom_id 
_atom_site.label_alt_id 
_atom_site.label_comp_id 
_atom_site.label_asym_id 
_atom_site.label_entity_id 
_atom_site.label_seq_id 
_atom_site.pdbx_PDB_ins_code 
_atom_site.Cartn_x 
_atom_site.Cartn_y 
_atom_site.Cartn_z 
_atom_site.occupancy 
_atom_site.B_iso_or_equiv 
_atom_site.pdbx_formal_charge 
_atom_site.auth_seq_id 
_atom_site.auth_comp_id 
_atom_site.auth_asym_id 
_atom_site.auth_atom_id 
_atom_site.pdbx_PDB_model_num 
ATOM 1    O "O5'"  . G A 1 1  ? -7.973  5.402   17.416  1.00 2.45 ? 1  G A "O5'"  1 
ATOM 2    C "C5'"  . G A 1 1  ? -7.089  5.231   18.530  1.00 2.51 ? 1  G A "C5'"  1 
ATOM 3    C "C4'"  . G A 1 1  ? -6.608  3.788   18.653  1.00 2.29 ? 1  G A "C4'"  1 
ATOM 4    O "O4'"  . G A 1 1  ? -7.740  2.916   18.777  1.00 2.28 ? 1  G A "O4'"  1 
ATOM 5    C "C3'"  . G A 1 1  ? -5.879  3.250   17.435  1.00 2.01 ? 1  G A "C3'"  1 
ATOM 6    O "O3'"  . G A 1 1  ? -4.489  3.561   17.588  1.00 2.02 ? 1  G A "O3'"  1 
ATOM 7    C "C2'"  . G A 1 1  ? -6.042  1.750   17.612  1.00 1.86 ? 1  G A "C2'"  1 
ATOM 8    O "O2'"  . G A 1 1  ? -5.155  1.254   18.620  1.00 1.93 ? 1  G A "O2'"  1 
ATOM 9    C "C1'"  . G A 1 1  ? -7.495  1.676   18.085  1.00 2.02 ? 1  G A "C1'"  1 
ATOM 10   N N9     . G A 1 1  ? -8.443  1.573   16.959  1.00 1.92 ? 1  G A N9     1 
ATOM 11   C C8     . G A 1 1  ? -9.372  2.489   16.535  1.00 2.03 ? 1  G A C8     1 
ATOM 12   N N7     . G A 1 1  ? -10.045 2.106   15.486  1.00 1.92 ? 1  G A N7     1 
ATOM 13   C C5     . G A 1 1  ? -9.525  0.849   15.195  1.00 1.73 ? 1  G A C5     1 
ATOM 14   C C6     . G A 1 1  ? -9.864  -0.062  14.157  1.00 1.59 ? 1  G A C6     1 
ATOM 15   O O6     . G A 1 1  ? -10.703 0.066   13.271  1.00 1.60 ? 1  G A O6     1 
ATOM 16   N N1     . G A 1 1  ? -9.102  -1.213  14.222  1.00 1.48 ? 1  G A N1     1 
ATOM 17   C C2     . G A 1 1  ? -8.136  -1.466  15.161  1.00 1.51 ? 1  G A C2     1 
ATOM 18   N N2     . G A 1 1  ? -7.502  -2.626  15.076  1.00 1.47 ? 1  G A N2     1 
ATOM 19   N N3     . G A 1 1  ? -7.806  -0.625  16.138  1.00 1.62 ? 1  G A N3     1 
ATOM 20   C C4     . G A 1 1  ? -8.543  0.512   16.093  1.00 1.73 ? 1  G A C4     1 
ATOM 21   H "H5''" . G A 1 1  ? -6.225  5.884   18.401  1.00 2.71 ? 1  G A "H5''" 1 
ATOM 22   H "H4'"  . G A 1 1  ? -5.986  3.695   19.545  1.00 2.37 ? 1  G A "H4'"  1 
ATOM 23   H "H3'"  . G A 1 1  ? -6.282  3.619   16.491  1.00 1.96 ? 1  G A "H3'"  1 
ATOM 24   H "H2'"  . G A 1 1  ? -5.907  1.221   16.669  1.00 1.68 ? 1  G A "H2'"  1 
ATOM 25   H "HO2'" . G A 1 1  ? -4.963  0.339   18.404  1.00 1.75 ? 1  G A "HO2'" 1 
ATOM 26   H "H1'"  . G A 1 1  ? -7.645  0.840   18.768  1.00 2.07 ? 1  G A "H1'"  1 
ATOM 27   H H8     . G A 1 1  ? -9.532  3.447   17.030  1.00 2.21 ? 1  G A H8     1 
ATOM 28   H H1     . G A 1 1  ? -9.276  -1.915  13.522  1.00 1.43 ? 1  G A H1     1 
ATOM 29   H H21    . G A 1 1  ? -7.748  -3.284  14.352  1.00 1.45 ? 1  G A H21    1 
ATOM 30   H H22    . G A 1 1  ? -6.770  -2.847  15.734  1.00 1.51 ? 1  G A H22    1 
ATOM 31   H "HO5'" . G A 1 1  ? -7.573  4.956   16.665  1.00 2.63 ? 1  G A "HO5'" 1 
ATOM 32   P P      . G A 1 2  ? -3.487  3.488   16.326  1.00 1.86 ? 2  G A P      1 
ATOM 33   O OP1    . G A 1 2  ? -2.143  3.912   16.777  1.00 2.00 ? 2  G A OP1    1 
ATOM 34   O OP2    . G A 1 2  ? -4.132  4.176   15.185  1.00 1.87 ? 2  G A OP2    1 
ATOM 35   O "O5'"  . G A 1 2  ? -3.439  1.910   15.998  1.00 1.62 ? 2  G A "O5'"  1 
ATOM 36   C "C5'"  . G A 1 2  ? -2.723  1.004   16.849  1.00 1.66 ? 2  G A "C5'"  1 
ATOM 37   C "C4'"  . G A 1 2  ? -2.697  -0.411  16.277  1.00 1.57 ? 2  G A "C4'"  1 
ATOM 38   O "O4'"  . G A 1 2  ? -4.040  -0.892  16.123  1.00 1.55 ? 2  G A "O4'"  1 
ATOM 39   C "C3'"  . G A 1 2  ? -2.119  -0.528  14.879  1.00 1.47 ? 2  G A "C3'"  1 
ATOM 40   O "O3'"  . G A 1 2  ? -0.703  -0.717  15.007  1.00 1.58 ? 2  G A "O3'"  1 
ATOM 41   C "C2'"  . G A 1 2  ? -2.718  -1.841  14.404  1.00 1.47 ? 2  G A "C2'"  1 
ATOM 42   O "O2'"  . G A 1 2  ? -2.040  -2.956  14.994  1.00 1.65 ? 2  G A "O2'"  1 
ATOM 43   C "C1'"  . G A 1 2  ? -4.142  -1.723  14.949  1.00 1.45 ? 2  G A "C1'"  1 
ATOM 44   N N9     . G A 1 2  ? -5.067  -1.086  13.994  1.00 1.31 ? 2  G A N9     1 
ATOM 45   C C8     . G A 1 2  ? -5.549  0.199   13.993  1.00 1.31 ? 2  G A C8     1 
ATOM 46   N N7     . G A 1 2  ? -6.390  0.443   13.027  1.00 1.25 ? 2  G A N7     1 
ATOM 47   C C5     . G A 1 2  ? -6.468  -0.764  12.338  1.00 1.19 ? 2  G A C5     1 
ATOM 48   C C6     . G A 1 2  ? -7.227  -1.112  11.187  1.00 1.16 ? 2  G A C6     1 
ATOM 49   O O6     . G A 1 2  ? -8.001  -0.412  10.542  1.00 1.16 ? 2  G A O6     1 
ATOM 50   N N1     . G A 1 2  ? -7.016  -2.425  10.816  1.00 1.25 ? 2  G A N1     1 
ATOM 51   C C2     . G A 1 2  ? -6.183  -3.302  11.462  1.00 1.37 ? 2  G A C2     1 
ATOM 52   N N2     . G A 1 2  ? -6.100  -4.528  10.967  1.00 1.57 ? 2  G A N2     1 
ATOM 53   N N3     . G A 1 2  ? -5.465  -2.992  12.541  1.00 1.38 ? 2  G A N3     1 
ATOM 54   C C4     . G A 1 2  ? -5.659  -1.707  12.921  1.00 1.26 ? 2  G A C4     1 
ATOM 55   H "H5'"  . G A 1 2  ? -3.202  0.982   17.828  1.00 1.78 ? 2  G A "H5'"  1 
ATOM 56   H "H5''" . G A 1 2  ? -1.698  1.358   16.962  1.00 1.69 ? 2  G A "H5''" 1 
ATOM 57   H "H4'"  . G A 1 2  ? -2.164  -1.064  16.968  1.00 1.69 ? 2  G A "H4'"  1 
ATOM 58   H "H3'"  . G A 1 2  ? -2.366  0.317   14.235  1.00 1.40 ? 2  G A "H3'"  1 
ATOM 59   H "H2'"  . G A 1 2  ? -2.719  -1.909  13.319  1.00 1.43 ? 2  G A "H2'"  1 
ATOM 60   H "HO2'" . G A 1 2  ? -2.265  -2.965  15.930  1.00 1.97 ? 2  G A "HO2'" 1 
ATOM 61   H "H1'"  . G A 1 2  ? -4.531  -2.699  15.229  1.00 1.54 ? 2  G A "H1'"  1 
ATOM 62   H H8     . G A 1 2  ? -5.253  0.946   14.730  1.00 1.41 ? 2  G A H8     1 
ATOM 63   H H1     . G A 1 2  ? -7.521  -2.760  10.011  1.00 1.29 ? 2  G A H1     1 
ATOM 64   H H21    . G A 1 2  ? -6.682  -4.799  10.187  1.00 1.61 ? 2  G A H21    1 
ATOM 65   H H22    . G A 1 2  ? -5.452  -5.190  11.370  1.00 1.70 ? 2  G A H22    1 
ATOM 66   P P      . C A 1 3  ? 0.279   -0.432  13.762  1.00 1.61 ? 3  C A P      1 
ATOM 67   O OP1    . C A 1 3  ? 1.672   -0.667  14.207  1.00 1.79 ? 3  C A OP1    1 
ATOM 68   O OP2    . C A 1 3  ? -0.093  0.870   13.166  1.00 1.58 ? 3  C A OP2    1 
ATOM 69   O "O5'"  . C A 1 3  ? -0.122  -1.593  12.716  1.00 1.57 ? 3  C A "O5'"  1 
ATOM 70   C "C5'"  . C A 1 3  ? 0.444   -2.906  12.822  1.00 1.70 ? 3  C A "C5'"  1 
ATOM 71   C "C4'"  . C A 1 3  ? 0.024   -3.800  11.658  1.00 1.75 ? 3  C A "C4'"  1 
ATOM 72   O "O4'"  . C A 1 3  ? -1.402  -3.951  11.660  1.00 1.63 ? 3  C A "O4'"  1 
ATOM 73   C "C3'"  . C A 1 3  ? 0.323   -3.240  10.281  1.00 1.77 ? 3  C A "C3'"  1 
ATOM 74   O "O3'"  . C A 1 3  ? 1.646   -3.660  9.921   1.00 1.97 ? 3  C A "O3'"  1 
ATOM 75   C "C2'"  . C A 1 3  ? -0.663  -4.005  9.412   1.00 1.80 ? 3  C A "C2'"  1 
ATOM 76   O "O2'"  . C A 1 3  ? -0.210  -5.343  9.182   1.00 2.03 ? 3  C A "O2'"  1 
ATOM 77   C "C1'"  . C A 1 3  ? -1.903  -4.005  10.308  1.00 1.64 ? 3  C A "C1'"  1 
ATOM 78   N N1     . C A 1 3  ? -2.765  -2.826  10.079  1.00 1.46 ? 3  C A N1     1 
ATOM 79   C C2     . C A 1 3  ? -3.710  -2.900  9.065   1.00 1.44 ? 3  C A C2     1 
ATOM 80   O O2     . C A 1 3  ? -3.811  -3.916  8.382   1.00 1.57 ? 3  C A O2     1 
ATOM 81   N N3     . C A 1 3  ? -4.518  -1.828  8.845   1.00 1.34 ? 3  C A N3     1 
ATOM 82   C C4     . C A 1 3  ? -4.405  -0.726  9.597   1.00 1.27 ? 3  C A C4     1 
ATOM 83   N N4     . C A 1 3  ? -5.221  0.289   9.332   1.00 1.26 ? 3  C A N4     1 
ATOM 84   C C5     . C A 1 3  ? -3.437  -0.644  10.645  1.00 1.28 ? 3  C A C5     1 
ATOM 85   C C6     . C A 1 3  ? -2.643  -1.708  10.847  1.00 1.37 ? 3  C A C6     1 
ATOM 86   H "H5'"  . C A 1 3  ? 0.117   -3.361  13.757  1.00 1.70 ? 3  C A "H5'"  1 
ATOM 87   H "H5''" . C A 1 3  ? 1.532   -2.823  12.830  1.00 1.81 ? 3  C A "H5''" 1 
ATOM 88   H "H4'"  . C A 1 3  ? 0.486   -4.780  11.780  1.00 1.90 ? 3  C A "H4'"  1 
ATOM 89   H "H3'"  . C A 1 3  ? 0.202   -2.157  10.218  1.00 1.67 ? 3  C A "H3'"  1 
ATOM 90   H "H2'"  . C A 1 3  ? -0.854  -3.485  8.474   1.00 1.80 ? 3  C A "H2'"  1 
ATOM 91   H "HO2'" . C A 1 3  ? -0.551  -5.615  8.325   1.00 2.17 ? 3  C A "HO2'" 1 
ATOM 92   H "H1'"  . C A 1 3  ? -2.485  -4.916  10.173  1.00 1.71 ? 3  C A "H1'"  1 
ATOM 93   H H41    . C A 1 3  ? -5.868  0.228   8.555   1.00 1.29 ? 3  C A H41    1 
ATOM 94   H H42    . C A 1 3  ? -5.196  1.120   9.905   1.00 1.26 ? 3  C A H42    1 
ATOM 95   H H5     . C A 1 3  ? -3.352  0.239   11.278  1.00 1.28 ? 3  C A H5     1 
ATOM 96   H H6     . C A 1 3  ? -1.882  -1.671  11.627  1.00 1.43 ? 3  C A H6     1 
ATOM 97   P P      . G A 1 4  ? 2.401   -3.007  8.654   1.00 2.05 ? 4  G A P      1 
ATOM 98   O OP1    . G A 1 4  ? 3.753   -3.605  8.562   1.00 2.29 ? 4  G A OP1    1 
ATOM 99   O OP2    . G A 1 4  ? 2.250   -1.537  8.732   1.00 1.92 ? 4  G A OP2    1 
ATOM 100  O "O5'"  . G A 1 4  ? 1.528   -3.535  7.408   1.00 2.04 ? 4  G A "O5'"  1 
ATOM 101  C "C5'"  . G A 1 4  ? 1.518   -4.926  7.060   1.00 2.19 ? 4  G A "C5'"  1 
ATOM 102  C "C4'"  . G A 1 4  ? 0.545   -5.212  5.922   1.00 2.19 ? 4  G A "C4'"  1 
ATOM 103  O "O4'"  . G A 1 4  ? -0.782  -4.836  6.309   1.00 2.04 ? 4  G A "O4'"  1 
ATOM 104  C "C3'"  . G A 1 4  ? 0.784   -4.408  4.662   1.00 2.19 ? 4  G A "C3'"  1 
ATOM 105  O "O3'"  . G A 1 4  ? 1.739   -5.130  3.873   1.00 2.39 ? 4  G A "O3'"  1 
ATOM 106  C "C2'"  . G A 1 4  ? -0.567  -4.502  3.970   1.00 2.16 ? 4  G A "C2'"  1 
ATOM 107  O "O2'"  . G A 1 4  ? -0.729  -5.774  3.333   1.00 2.36 ? 4  G A "O2'"  1 
ATOM 108  C "C1'"  . G A 1 4  ? -1.520  -4.368  5.162   1.00 2.01 ? 4  G A "C1'"  1 
ATOM 109  N N9     . G A 1 4  ? -1.936  -2.971  5.401   1.00 1.82 ? 4  G A N9     1 
ATOM 110  C C8     . G A 1 4  ? -1.343  -2.025  6.200   1.00 1.72 ? 4  G A C8     1 
ATOM 111  N N7     . G A 1 4  ? -1.962  -0.877  6.198   1.00 1.59 ? 4  G A N7     1 
ATOM 112  C C5     . G A 1 4  ? -3.039  -1.077  5.340   1.00 1.61 ? 4  G A C5     1 
ATOM 113  C C6     . G A 1 4  ? -4.070  -0.181  4.940   1.00 1.57 ? 4  G A C6     1 
ATOM 114  O O6     . G A 1 4  ? -4.236  0.989   5.272   1.00 1.49 ? 4  G A O6     1 
ATOM 115  N N1     . G A 1 4  ? -4.955  -0.780  4.065   1.00 1.68 ? 4  G A N1     1 
ATOM 116  C C2     . G A 1 4  ? -4.869  -2.076  3.624   1.00 1.81 ? 4  G A C2     1 
ATOM 117  N N2     . G A 1 4  ? -5.809  -2.491  2.789   1.00 1.95 ? 4  G A N2     1 
ATOM 118  N N3     . G A 1 4  ? -3.912  -2.927  3.988   1.00 1.86 ? 4  G A N3     1 
ATOM 119  C C4     . G A 1 4  ? -3.032  -2.358  4.847   1.00 1.75 ? 4  G A C4     1 
ATOM 120  H "H5'"  . G A 1 4  ? 1.227   -5.511  7.933   1.00 2.19 ? 4  G A "H5'"  1 
ATOM 121  H "H5''" . G A 1 4  ? 2.521   -5.220  6.751   1.00 2.33 ? 4  G A "H5''" 1 
ATOM 122  H "H4'"  . G A 1 4  ? 0.561   -6.280  5.702   1.00 2.33 ? 4  G A "H4'"  1 
ATOM 123  H "H3'"  . G A 1 4  ? 1.099   -3.382  4.856   1.00 2.09 ? 4  G A "H3'"  1 
ATOM 124  H "H2'"  . G A 1 4  ? -0.708  -3.688  3.263   1.00 2.12 ? 4  G A "H2'"  1 
ATOM 125  H "HO2'" . G A 1 4  ? -0.391  -5.689  2.438   1.00 2.72 ? 4  G A "HO2'" 1 
ATOM 126  H "H1'"  . G A 1 4  ? -2.404  -4.988  5.023   1.00 2.06 ? 4  G A "H1'"  1 
ATOM 127  H H8     . G A 1 4  ? -0.439  -2.215  6.778   1.00 1.78 ? 4  G A H8     1 
ATOM 128  H H1     . G A 1 4  ? -5.717  -0.215  3.726   1.00 1.70 ? 4  G A H1     1 
ATOM 129  H H21    . G A 1 4  ? -6.542  -1.861  2.500   1.00 1.95 ? 4  G A H21    1 
ATOM 130  H H22    . G A 1 4  ? -5.790  -3.438  2.443   1.00 2.07 ? 4  G A H22    1 
ATOM 131  P P      . C A 1 5  ? 2.823   -4.350  2.974   1.00 2.43 ? 5  C A P      1 
ATOM 132  O OP1    . C A 1 5  ? 3.878   -5.312  2.583   1.00 2.63 ? 5  C A OP1    1 
ATOM 133  O OP2    . C A 1 5  ? 3.187   -3.095  3.668   1.00 2.33 ? 5  C A OP2    1 
ATOM 134  O "O5'"  . C A 1 5  ? 1.972   -3.966  1.662   1.00 2.40 ? 5  C A "O5'"  1 
ATOM 135  C "C5'"  . C A 1 5  ? 1.607   -4.969  0.706   1.00 2.51 ? 5  C A "C5'"  1 
ATOM 136  C "C4'"  . C A 1 5  ? 0.494   -4.488  -0.218  1.00 2.43 ? 5  C A "C4'"  1 
ATOM 137  O "O4'"  . C A 1 5  ? -0.677  -4.197  0.554   1.00 2.24 ? 5  C A "O4'"  1 
ATOM 138  C "C3'"  . C A 1 5  ? 0.783   -3.183  -0.938  1.00 2.44 ? 5  C A "C3'"  1 
ATOM 139  O "O3'"  . C A 1 5  ? 1.450   -3.511  -2.165  1.00 2.68 ? 5  C A "O3'"  1 
ATOM 140  C "C2'"  . C A 1 5  ? -0.616  -2.704  -1.288  1.00 2.33 ? 5  C A "C2'"  1 
ATOM 141  O "O2'"  . C A 1 5  ? -1.120  -3.418  -2.420  1.00 2.48 ? 5  C A "O2'"  1 
ATOM 142  C "C1'"  . C A 1 5  ? -1.388  -3.080  -0.015  1.00 2.16 ? 5  C A "C1'"  1 
ATOM 143  N N1     . C A 1 5  ? -1.419  -1.981  0.978   1.00 1.97 ? 5  C A N1     1 
ATOM 144  C C2     . C A 1 5  ? -2.543  -1.167  1.012   1.00 1.87 ? 5  C A C2     1 
ATOM 145  O O2     . C A 1 5  ? -3.490  -1.381  0.262   1.00 1.97 ? 5  C A O2     1 
ATOM 146  N N3     . C A 1 5  ? -2.580  -0.138  1.901   1.00 1.72 ? 5  C A N3     1 
ATOM 147  C C4     . C A 1 5  ? -1.552  0.083   2.730   1.00 1.67 ? 5  C A C4     1 
ATOM 148  N N4     . C A 1 5  ? -1.647  1.105   3.573   1.00 1.57 ? 5  C A N4     1 
ATOM 149  C C5     . C A 1 5  ? -0.393  -0.753  2.706   1.00 1.82 ? 5  C A C5     1 
ATOM 150  C C6     . C A 1 5  ? -0.367  -1.766  1.823   1.00 1.96 ? 5  C A C6     1 
ATOM 151  H "H5'"  . C A 1 5  ? 1.268   -5.861  1.235   1.00 2.51 ? 5  C A "H5'"  1 
ATOM 152  H "H5''" . C A 1 5  ? 2.482   -5.223  0.106   1.00 2.69 ? 5  C A "H5''" 1 
ATOM 153  H "H4'"  . C A 1 5  ? 0.261   -5.277  -0.935  1.00 2.53 ? 5  C A "H4'"  1 
ATOM 154  H "H3'"  . C A 1 5  ? 1.348   -2.470  -0.337  1.00 2.41 ? 5  C A "H3'"  1 
ATOM 155  H "H2'"  . C A 1 5  ? -0.636  -1.627  -1.458  1.00 2.31 ? 5  C A "H2'"  1 
ATOM 156  H "HO2'" . C A 1 5  ? -0.402  -3.484  -3.056  1.00 2.63 ? 5  C A "HO2'" 1 
ATOM 157  H "H1'"  . C A 1 5  ? -2.407  -3.383  -0.253  1.00 2.17 ? 5  C A "H1'"  1 
ATOM 158  H H41    . C A 1 5  ? -2.439  1.730   3.522   1.00 1.53 ? 5  C A H41    1 
ATOM 159  H H42    . C A 1 5  ? -0.927  1.259   4.264   1.00 1.60 ? 5  C A H42    1 
ATOM 160  H H5     . C A 1 5  ? 0.448   -0.583  3.379   1.00 1.88 ? 5  C A H5     1 
ATOM 161  H H6     . C A 1 5  ? 0.497   -2.431  1.788   1.00 2.11 ? 5  C A H6     1 
ATOM 162  P P      . A A 1 6  ? 2.461   -2.469  -2.866  1.00 2.77 ? 6  A A P      1 
ATOM 163  O OP1    . A A 1 6  ? 3.328   -3.229  -3.794  1.00 3.53 ? 6  A A OP1    1 
ATOM 164  O OP2    . A A 1 6  ? 3.066   -1.626  -1.810  1.00 2.69 ? 6  A A OP2    1 
ATOM 165  O "O5'"  . A A 1 6  ? 1.465   -1.546  -3.738  1.00 2.67 ? 6  A A "O5'"  1 
ATOM 166  C "C5'"  . A A 1 6  ? 1.539   -1.533  -5.171  1.00 3.03 ? 6  A A "C5'"  1 
ATOM 167  C "C4'"  . A A 1 6  ? 2.278   -0.300  -5.690  1.00 3.01 ? 6  A A "C4'"  1 
ATOM 168  O "O4'"  . A A 1 6  ? 1.538   0.881   -5.350  1.00 3.09 ? 6  A A "O4'"  1 
ATOM 169  C "C3'"  . A A 1 6  ? 3.640   -0.055  -5.065  1.00 2.57 ? 6  A A "C3'"  1 
ATOM 170  O "O3'"  . A A 1 6  ? 4.611   -0.779  -5.833  1.00 2.91 ? 6  A A "O3'"  1 
ATOM 171  C "C2'"  . A A 1 6  ? 3.842   1.426   -5.340  1.00 2.93 ? 6  A A "C2'"  1 
ATOM 172  O "O2'"  . A A 1 6  ? 4.193   1.646   -6.711  1.00 3.58 ? 6  A A "O2'"  1 
ATOM 173  C "C1'"  . A A 1 6  ? 2.440   1.963   -5.045  1.00 3.16 ? 6  A A "C1'"  1 
ATOM 174  N N9     . A A 1 6  ? 2.267   2.332   -3.627  1.00 2.97 ? 6  A A N9     1 
ATOM 175  C C8     . A A 1 6  ? 1.403   1.801   -2.703  1.00 2.54 ? 6  A A C8     1 
ATOM 176  N N7     . A A 1 6  ? 1.497   2.351   -1.523  1.00 2.96 ? 6  A A N7     1 
ATOM 177  C C5     . A A 1 6  ? 2.494   3.310   -1.682  1.00 3.64 ? 6  A A C5     1 
ATOM 178  C C6     . A A 1 6  ? 3.072   4.238   -0.801  1.00 4.52 ? 6  A A C6     1 
ATOM 179  N N6     . A A 1 6  ? 2.716   4.364   0.474   1.00 4.94 ? 6  A A N6     1 
ATOM 180  N N1     . A A 1 6  ? 4.034   5.040   -1.279  1.00 5.10 ? 6  A A N1     1 
ATOM 181  C C2     . A A 1 6  ? 4.396   4.923   -2.551  1.00 4.88 ? 6  A A C2     1 
ATOM 182  N N3     . A A 1 6  ? 3.935   4.096   -3.477  1.00 4.22 ? 6  A A N3     1 
ATOM 183  C C4     . A A 1 6  ? 2.969   3.306   -2.961  1.00 3.58 ? 6  A A C4     1 
ATOM 184  H "H5'"  . A A 1 6  ? 0.529   -1.540  -5.581  1.00 3.47 ? 6  A A "H5'"  1 
ATOM 185  H "H5''" . A A 1 6  ? 2.066   -2.427  -5.508  1.00 3.29 ? 6  A A "H5''" 1 
ATOM 186  H "H4'"  . A A 1 6  ? 2.360   -0.367  -6.775  1.00 3.65 ? 6  A A "H4'"  1 
ATOM 187  H "H3'"  . A A 1 6  ? 3.683   -0.303  -4.006  1.00 2.25 ? 6  A A "H3'"  1 
ATOM 188  H "H2'"  . A A 1 6  ? 4.582   1.859   -4.667  1.00 2.89 ? 6  A A "H2'"  1 
ATOM 189  H "HO2'" . A A 1 6  ? 4.908   1.040   -6.920  1.00 3.64 ? 6  A A "HO2'" 1 
ATOM 190  H "H1'"  . A A 1 6  ? 2.206   2.821   -5.676  1.00 3.85 ? 6  A A "H1'"  1 
ATOM 191  H H8     . A A 1 6  ? 0.705   0.997   -2.933  1.00 2.19 ? 6  A A H8     1 
ATOM 192  H H61    . A A 1 6  ? 3.172   5.047   1.059   1.00 5.66 ? 6  A A H61    1 
ATOM 193  H H62    . A A 1 6  ? 1.992   3.773   0.856   1.00 4.62 ? 6  A A H62    1 
ATOM 194  H H2     . A A 1 6  ? 5.183   5.603   -2.879  1.00 5.45 ? 6  A A H2     1 
ATOM 195  P P      . G A 1 7  ? 5.989   -1.270  -5.156  1.00 2.81 ? 7  G A P      1 
ATOM 196  O OP1    . G A 1 7  ? 6.744   -2.056  -6.159  1.00 3.43 ? 7  G A OP1    1 
ATOM 197  O OP2    . G A 1 7  ? 5.677   -1.863  -3.837  1.00 2.83 ? 7  G A OP2    1 
ATOM 198  O "O5'"  . G A 1 7  ? 6.772   0.117   -4.904  1.00 2.72 ? 7  G A "O5'"  1 
ATOM 199  C "C5'"  . G A 1 7  ? 7.620   0.681   -5.914  1.00 2.85 ? 7  G A "C5'"  1 
ATOM 200  C "C4'"  . G A 1 7  ? 8.524   1.769   -5.344  1.00 3.06 ? 7  G A "C4'"  1 
ATOM 201  O "O4'"  . G A 1 7  ? 7.719   2.827   -4.809  1.00 3.28 ? 7  G A "O4'"  1 
ATOM 202  C "C3'"  . G A 1 7  ? 9.375   1.339   -4.163  1.00 3.47 ? 7  G A "C3'"  1 
ATOM 203  O "O3'"  . G A 1 7  ? 10.604  0.816   -4.683  1.00 3.46 ? 7  G A "O3'"  1 
ATOM 204  C "C2'"  . G A 1 7  ? 9.687   2.670   -3.501  1.00 4.11 ? 7  G A "C2'"  1 
ATOM 205  O "O2'"  . G A 1 7  ? 10.706  3.369   -4.223  1.00 4.42 ? 7  G A "O2'"  1 
ATOM 206  C "C1'"  . G A 1 7  ? 8.340   3.386   -3.635  1.00 3.95 ? 7  G A "C1'"  1 
ATOM 207  N N9     . G A 1 7  ? 7.458   3.149   -2.475  1.00 4.24 ? 7  G A N9     1 
ATOM 208  C C8     . G A 1 7  ? 6.388   2.297   -2.371  1.00 4.00 ? 7  G A C8     1 
ATOM 209  N N7     . G A 1 7  ? 5.805   2.326   -1.204  1.00 4.69 ? 7  G A N7     1 
ATOM 210  C C5     . G A 1 7  ? 6.542   3.264   -0.486  1.00 5.35 ? 7  G A C5     1 
ATOM 211  C C6     . G A 1 7  ? 6.383   3.724   0.850   1.00 6.34 ? 7  G A C6     1 
ATOM 212  O O6     . G A 1 7  ? 5.541   3.393   1.679   1.00 6.81 ? 7  G A O6     1 
ATOM 213  N N1     . G A 1 7  ? 7.336   4.669   1.179   1.00 6.92 ? 7  G A N1     1 
ATOM 214  C C2     . G A 1 7  ? 8.321   5.121   0.338   1.00 6.69 ? 7  G A C2     1 
ATOM 215  N N2     . G A 1 7  ? 9.156   6.031   0.820   1.00 7.51 ? 7  G A N2     1 
ATOM 216  N N3     . G A 1 7  ? 8.483   4.702   -0.913  1.00 5.82 ? 7  G A N3     1 
ATOM 217  C C4     . G A 1 7  ? 7.558   3.774   -1.257  1.00 5.13 ? 7  G A C4     1 
ATOM 218  H "H5'"  . G A 1 7  ? 7.001   1.110   -6.702  1.00 3.17 ? 7  G A "H5'"  1 
ATOM 219  H "H5''" . G A 1 7  ? 8.240   -0.108  -6.339  1.00 3.16 ? 7  G A "H5''" 1 
ATOM 220  H "H4'"  . G A 1 7  ? 9.150   2.167   -6.143  1.00 3.22 ? 7  G A "H4'"  1 
ATOM 221  H "H3'"  . G A 1 7  ? 8.873   0.634   -3.499  1.00 3.63 ? 7  G A "H3'"  1 
ATOM 222  H "H2'"  . G A 1 7  ? 9.962   2.539   -2.454  1.00 4.65 ? 7  G A "H2'"  1 
ATOM 223  H "HO2'" . G A 1 7  ? 11.247  2.708   -4.661  1.00 4.44 ? 7  G A "HO2'" 1 
ATOM 224  H "H1'"  . G A 1 7  ? 8.479   4.458   -3.773  1.00 4.34 ? 7  G A "H1'"  1 
ATOM 225  H H8     . G A 1 7  ? 6.058   1.652   -3.186  1.00 3.49 ? 7  G A H8     1 
ATOM 226  H H1     . G A 1 7  ? 7.299   5.050   2.111   1.00 7.66 ? 7  G A H1     1 
ATOM 227  H H21    . G A 1 7  ? 9.048   6.366   1.765   1.00 8.19 ? 7  G A H21    1 
ATOM 228  H H22    . G A 1 7  ? 9.900   6.387   0.238   1.00 7.50 ? 7  G A H22    1 
ATOM 229  P P      . U A 1 8  ? 11.460  -0.263  -3.845  1.00 3.62 ? 8  U A P      1 
ATOM 230  O OP1    . U A 1 8  ? 10.707  -1.540  -3.828  1.00 4.04 ? 8  U A OP1    1 
ATOM 231  O OP2    . U A 1 8  ? 11.873  0.364   -2.568  1.00 4.23 ? 8  U A OP2    1 
ATOM 232  O "O5'"  . U A 1 8  ? 12.772  -0.459  -4.761  1.00 3.38 ? 8  U A "O5'"  1 
ATOM 233  C "C5'"  . U A 1 8  ? 12.677  -1.042  -6.069  1.00 3.36 ? 8  U A "C5'"  1 
ATOM 234  C "C4'"  . U A 1 8  ? 13.660  -2.196  -6.245  1.00 3.23 ? 8  U A "C4'"  1 
ATOM 235  O "O4'"  . U A 1 8  ? 13.365  -3.216  -5.295  1.00 4.16 ? 8  U A "O4'"  1 
ATOM 236  C "C3'"  . U A 1 8  ? 13.562  -2.929  -7.568  1.00 2.69 ? 8  U A "C3'"  1 
ATOM 237  O "O3'"  . U A 1 8  ? 14.415  -2.251  -8.503  1.00 2.40 ? 8  U A "O3'"  1 
ATOM 238  C "C2'"  . U A 1 8  ? 14.208  -4.276  -7.255  1.00 3.41 ? 8  U A "C2'"  1 
ATOM 239  O "O2'"  . U A 1 8  ? 15.627  -4.202  -7.425  1.00 3.44 ? 8  U A "O2'"  1 
ATOM 240  C "C1'"  . U A 1 8  ? 13.854  -4.482  -5.772  1.00 4.32 ? 8  U A "C1'"  1 
ATOM 241  N N1     . U A 1 8  ? 12.794  -5.494  -5.582  1.00 5.20 ? 8  U A N1     1 
ATOM 242  C C2     . U A 1 8  ? 13.186  -6.803  -5.369  1.00 6.15 ? 8  U A C2     1 
ATOM 243  O O2     . U A 1 8  ? 14.363  -7.147  -5.333  1.00 6.27 ? 8  U A O2     1 
ATOM 244  N N3     . U A 1 8  ? 12.171  -7.717  -5.197  1.00 7.13 ? 8  U A N3     1 
ATOM 245  C C4     . U A 1 8  ? 10.820  -7.447  -5.218  1.00 7.32 ? 8  U A C4     1 
ATOM 246  O O4     . U A 1 8  ? 10.013  -8.355  -5.054  1.00 8.36 ? 8  U A O4     1 
ATOM 247  C C5     . U A 1 8  ? 10.485  -6.060  -5.444  1.00 6.36 ? 8  U A C5     1 
ATOM 248  C C6     . U A 1 8  ? 11.469  -5.144  -5.616  1.00 5.32 ? 8  U A C6     1 
ATOM 249  H "H5'"  . U A 1 8  ? 12.890  -0.277  -6.816  1.00 3.48 ? 8  U A "H5'"  1 
ATOM 250  H "H5''" . U A 1 8  ? 11.664  -1.415  -6.221  1.00 3.89 ? 8  U A "H5''" 1 
ATOM 251  H "H4'"  . U A 1 8  ? 14.675  -1.832  -6.077  1.00 3.43 ? 8  U A "H4'"  1 
ATOM 252  H "H3'"  . U A 1 8  ? 12.539  -3.020  -7.936  1.00 2.73 ? 8  U A "H3'"  1 
ATOM 253  H "H2'"  . U A 1 8  ? 13.780  -5.067  -7.872  1.00 3.74 ? 8  U A "H2'"  1 
ATOM 254  H "HO2'" . U A 1 8  ? 15.801  -3.473  -8.029  1.00 3.47 ? 8  U A "HO2'" 1 
ATOM 255  H "H1'"  . U A 1 8  ? 14.736  -4.767  -5.197  1.00 4.80 ? 8  U A "H1'"  1 
ATOM 256  H H3     . U A 1 8  ? 12.443  -8.675  -5.040  1.00 7.88 ? 8  U A H3     1 
ATOM 257  H H5     . U A 1 8  ? 9.440   -5.751  -5.477  1.00 6.59 ? 8  U A H5     1 
ATOM 258  H H6     . U A 1 8  ? 11.198  -4.101  -5.785  1.00 4.72 ? 8  U A H6     1 
ATOM 259  P P      . G A 1 9  ? 13.796  -1.252  -9.608  1.00 2.43 ? 9  G A P      1 
ATOM 260  O OP1    . G A 1 9  ? 13.535  0.051   -8.963  1.00 2.79 ? 9  G A OP1    1 
ATOM 261  O OP2    . G A 1 9  ? 12.702  -1.960  -10.309 1.00 3.21 ? 9  G A OP2    1 
ATOM 262  O "O5'"  . G A 1 9  ? 15.019  -1.074  -10.645 1.00 2.54 ? 9  G A "O5'"  1 
ATOM 263  C "C5'"  . G A 1 9  ? 16.284  -0.542  -10.220 1.00 2.71 ? 9  G A "C5'"  1 
ATOM 264  C "C4'"  . G A 1 9  ? 16.478  0.900   -10.685 1.00 2.60 ? 9  G A "C4'"  1 
ATOM 265  O "O4'"  . G A 1 9  ? 16.217  0.983   -12.093 1.00 2.53 ? 9  G A "O4'"  1 
ATOM 266  C "C3'"  . G A 1 9  ? 15.513  1.909   -10.088 1.00 2.39 ? 9  G A "C3'"  1 
ATOM 267  O "O3'"  . G A 1 9  ? 16.090  2.399   -8.870  1.00 2.55 ? 9  G A "O3'"  1 
ATOM 268  C "C2'"  . G A 1 9  ? 15.566  3.033   -11.109 1.00 2.30 ? 9  G A "C2'"  1 
ATOM 269  O "O2'"  . G A 1 9  ? 16.772  3.793   -10.972 1.00 2.48 ? 9  G A "O2'"  1 
ATOM 270  C "C1'"  . G A 1 9  ? 15.575  2.234   -12.412 1.00 2.33 ? 9  G A "C1'"  1 
ATOM 271  N N9     . G A 1 9  ? 14.211  1.955   -12.896 1.00 2.16 ? 9  G A N9     1 
ATOM 272  C C8     . G A 1 9  ? 13.490  0.792   -12.801 1.00 2.22 ? 9  G A C8     1 
ATOM 273  N N7     . G A 1 9  ? 12.292  0.876   -13.310 1.00 2.10 ? 9  G A N7     1 
ATOM 274  C C5     . G A 1 9  ? 12.215  2.185   -13.773 1.00 1.93 ? 9  G A C5     1 
ATOM 275  C C6     . G A 1 9  ? 11.150  2.863   -14.426 1.00 1.78 ? 9  G A C6     1 
ATOM 276  O O6     . G A 1 9  ? 10.042  2.431   -14.730 1.00 1.80 ? 9  G A O6     1 
ATOM 277  N N1     . G A 1 9  ? 11.485  4.170   -14.725 1.00 1.68 ? 9  G A N1     1 
ATOM 278  C C2     . G A 1 9  ? 12.690  4.759   -14.438 1.00 1.74 ? 9  G A C2     1 
ATOM 279  N N2     . G A 1 9  ? 12.840  6.024   -14.796 1.00 1.71 ? 9  G A N2     1 
ATOM 280  N N3     . G A 1 9  ? 13.697  4.138   -13.828 1.00 1.90 ? 9  G A N3     1 
ATOM 281  C C4     . G A 1 9  ? 13.388  2.855   -13.526 1.00 1.97 ? 9  G A C4     1 
ATOM 282  H "H5'"  . G A 1 9  ? 17.081  -1.157  -10.635 1.00 2.91 ? 9  G A "H5'"  1 
ATOM 283  H "H5''" . G A 1 9  ? 16.340  -0.575  -9.133  1.00 2.81 ? 9  G A "H5''" 1 
ATOM 284  H "H4'"  . G A 1 9  ? 17.510  1.198   -10.496 1.00 2.75 ? 9  G A "H4'"  1 
ATOM 285  H "H3'"  . G A 1 9  ? 14.509  1.511   -9.937  1.00 2.28 ? 9  G A "H3'"  1 
ATOM 286  H "H2'"  . G A 1 9  ? 14.687  3.671   -11.043 1.00 2.16 ? 9  G A "H2'"  1 
ATOM 287  H "HO2'" . G A 1 9  ? 16.556  4.708   -11.178 1.00 2.50 ? 9  G A "HO2'" 1 
ATOM 288  H "H1'"  . G A 1 9  ? 16.142  2.749   -13.187 1.00 2.40 ? 9  G A "H1'"  1 
ATOM 289  H H8     . G A 1 9  ? 13.881  -0.116  -12.344 1.00 2.38 ? 9  G A H8     1 
ATOM 290  H H1     . G A 1 9  ? 10.786  4.725   -15.191 1.00 1.60 ? 9  G A H1     1 
ATOM 291  H H21    . G A 1 9  ? 12.093  6.506   -15.272 1.00 1.62 ? 9  G A H21    1 
ATOM 292  H H22    . G A 1 9  ? 13.703  6.504   -14.593 1.00 1.82 ? 9  G A H22    1 
ATOM 293  P P      . G A 1 10 ? 15.199  3.228   -7.812  1.00 2.48 ? 10 G A P      1 
ATOM 294  O OP1    . G A 1 10 ? 16.092  3.702   -6.729  1.00 2.79 ? 10 G A OP1    1 
ATOM 295  O OP2    . G A 1 10 ? 14.003  2.426   -7.478  1.00 2.35 ? 10 G A OP2    1 
ATOM 296  O "O5'"  . G A 1 10 ? 14.722  4.508   -8.670  1.00 2.26 ? 10 G A "O5'"  1 
ATOM 297  C "C5'"  . G A 1 10 ? 15.583  5.642   -8.835  1.00 2.36 ? 10 G A "C5'"  1 
ATOM 298  C "C4'"  . G A 1 10 ? 14.881  6.785   -9.565  1.00 2.14 ? 10 G A "C4'"  1 
ATOM 299  O "O4'"  . G A 1 10 ? 14.451  6.345   -10.859 1.00 2.00 ? 10 G A "O4'"  1 
ATOM 300  C "C3'"  . G A 1 10 ? 13.595  7.269   -8.926  1.00 1.97 ? 10 G A "C3'"  1 
ATOM 301  O "O3'"  . G A 1 10 ? 13.933  8.241   -7.928  1.00 2.11 ? 10 G A "O3'"  1 
ATOM 302  C "C2'"  . G A 1 10 ? 12.941  8.000   -10.086 1.00 1.80 ? 10 G A "C2'"  1 
ATOM 303  O "O2'"  . G A 1 10 ? 13.566  9.268   -10.313 1.00 1.93 ? 10 G A "O2'"  1 
ATOM 304  C "C1'"  . G A 1 10 ? 13.242  7.037   -11.238 1.00 1.79 ? 10 G A "C1'"  1 
ATOM 305  N N9     . G A 1 10 ? 12.159  6.055   -11.434 1.00 1.65 ? 10 G A N9     1 
ATOM 306  C C8     . G A 1 10 ? 12.088  4.754   -11.002 1.00 1.76 ? 10 G A C8     1 
ATOM 307  N N7     . G A 1 10 ? 10.978  4.154   -11.330 1.00 1.65 ? 10 G A N7     1 
ATOM 308  C C5     . G A 1 10 ? 10.264  5.125   -12.026 1.00 1.44 ? 10 G A C5     1 
ATOM 309  C C6     . G A 1 10 ? 8.978   5.060   -12.629 1.00 1.29 ? 10 G A C6     1 
ATOM 310  O O6     . G A 1 10 ? 8.199   4.114   -12.671 1.00 1.33 ? 10 G A O6     1 
ATOM 311  N N1     . G A 1 10 ? 8.635   6.259   -13.226 1.00 1.18 ? 10 G A N1     1 
ATOM 312  C C2     . G A 1 10 ? 9.421   7.382   -13.245 1.00 1.24 ? 10 G A C2     1 
ATOM 313  N N2     . G A 1 10 ? 8.931   8.448   -13.860 1.00 1.25 ? 10 G A N2     1 
ATOM 314  N N3     . G A 1 10 ? 10.625  7.459   -12.686 1.00 1.37 ? 10 G A N3     1 
ATOM 315  C C4     . G A 1 10 ? 10.981  6.294   -12.095 1.00 1.45 ? 10 G A C4     1 
ATOM 316  H "H5'"  . G A 1 10 ? 16.461  5.342   -9.406  1.00 2.50 ? 10 G A "H5'"  1 
ATOM 317  H "H5''" . G A 1 10 ? 15.900  5.992   -7.853  1.00 2.50 ? 10 G A "H5''" 1 
ATOM 318  H "H4'"  . G A 1 10 ? 15.583  7.611   -9.685  1.00 2.26 ? 10 G A "H4'"  1 
ATOM 319  H "H3'"  . G A 1 10 ? 12.981  6.462   -8.524  1.00 1.92 ? 10 G A "H3'"  1 
ATOM 320  H "H2'"  . G A 1 10 ? 11.868  8.109   -9.935  1.00 1.68 ? 10 G A "H2'"  1 
ATOM 321  H "HO2'" . G A 1 10 ? 12.897  9.851   -10.682 1.00 2.23 ? 10 G A "HO2'" 1 
ATOM 322  H "H1'"  . G A 1 10 ? 13.412  7.581   -12.167 1.00 1.79 ? 10 G A "H1'"  1 
ATOM 323  H H8     . G A 1 10 ? 12.881  4.270   -10.434 1.00 1.95 ? 10 G A H8     1 
ATOM 324  H H1     . G A 1 10 ? 7.737   6.303   -13.681 1.00 1.14 ? 10 G A H1     1 
ATOM 325  H H21    . G A 1 10 ? 8.015   8.413   -14.280 1.00 1.22 ? 10 G A H21    1 
ATOM 326  H H22    . G A 1 10 ? 9.477   9.294   -13.905 1.00 1.36 ? 10 G A H22    1 
ATOM 327  P P      . G A 1 11 ? 12.847  8.692   -6.824  1.00 2.15 ? 11 G A P      1 
ATOM 328  O OP1    . G A 1 11 ? 13.467  9.720   -5.958  1.00 2.37 ? 11 G A OP1    1 
ATOM 329  O OP2    . G A 1 11 ? 12.267  7.473   -6.219  1.00 2.15 ? 11 G A OP2    1 
ATOM 330  O "O5'"  . G A 1 11 ? 11.707  9.402   -7.714  1.00 2.02 ? 11 G A "O5'"  1 
ATOM 331  C "C5'"  . G A 1 11 ? 11.950  10.672  -8.334  1.00 2.09 ? 11 G A "C5'"  1 
ATOM 332  C "C4'"  . G A 1 11 ? 10.794  11.100  -9.233  1.00 2.01 ? 11 G A "C4'"  1 
ATOM 333  O "O4'"  . G A 1 11 ? 10.575  10.114  -10.252 1.00 1.80 ? 11 G A "O4'"  1 
ATOM 334  C "C3'"  . G A 1 11 ? 9.443   11.189  -8.553  1.00 2.04 ? 11 G A "C3'"  1 
ATOM 335  O "O3'"  . G A 1 11 ? 9.340   12.484  -7.949  1.00 2.30 ? 11 G A "O3'"  1 
ATOM 336  C "C2'"  . G A 1 11 ? 8.506   11.156  -9.749  1.00 1.94 ? 11 G A "C2'"  1 
ATOM 337  O "O2'"  . G A 1 11 ? 8.507   12.417  -10.427 1.00 2.14 ? 11 G A "O2'"  1 
ATOM 338  C "C1'"  . G A 1 11 ? 9.176   10.080  -10.609 1.00 1.73 ? 11 G A "C1'"  1 
ATOM 339  N N9     . G A 1 11 ? 8.639   8.732   -10.334 1.00 1.56 ? 11 G A N9     1 
ATOM 340  C C8     . G A 1 11 ? 9.160   7.745   -9.537  1.00 1.57 ? 11 G A C8     1 
ATOM 341  N N7     . G A 1 11 ? 8.427   6.666   -9.494  1.00 1.49 ? 11 G A N7     1 
ATOM 342  C C5     . G A 1 11 ? 7.346   6.961   -10.319 1.00 1.37 ? 11 G A C5     1 
ATOM 343  C C6     . G A 1 11 ? 6.215   6.170   -10.664 1.00 1.30 ? 11 G A C6     1 
ATOM 344  O O6     . G A 1 11 ? 5.937   5.033   -10.300 1.00 1.31 ? 11 G A O6     1 
ATOM 345  N N1     . G A 1 11 ? 5.366   6.843   -11.521 1.00 1.32 ? 11 G A N1     1 
ATOM 346  C C2     . G A 1 11 ? 5.569   8.115   -11.993 1.00 1.46 ? 11 G A C2     1 
ATOM 347  N N2     . G A 1 11 ? 4.649   8.607   -12.809 1.00 1.62 ? 11 G A N2     1 
ATOM 348  N N3     . G A 1 11 ? 6.620   8.866   -11.681 1.00 1.52 ? 11 G A N3     1 
ATOM 349  C C4     . G A 1 11 ? 7.467   8.226   -10.840 1.00 1.45 ? 11 G A C4     1 
ATOM 350  H "H5'"  . G A 1 11 ? 12.859  10.607  -8.933  1.00 2.09 ? 11 G A "H5'"  1 
ATOM 351  H "H5''" . G A 1 11 ? 12.091  11.423  -7.557  1.00 2.27 ? 11 G A "H5''" 1 
ATOM 352  H "H4'"  . G A 1 11 ? 11.046  12.049  -9.707  1.00 2.12 ? 11 G A "H4'"  1 
ATOM 353  H "H3'"  . G A 1 11 ? 9.262   10.383  -7.841  1.00 2.01 ? 11 G A "H3'"  1 
ATOM 354  H "H2'"  . G A 1 11 ? 7.499   10.861  -9.459  1.00 1.93 ? 11 G A "H2'"  1 
ATOM 355  H "HO2'" . G A 1 11 ? 8.487   13.100  -9.753  1.00 2.50 ? 11 G A "HO2'" 1 
ATOM 356  H "H1'"  . G A 1 11 ? 9.068   10.304  -11.670 1.00 1.73 ? 11 G A "H1'"  1 
ATOM 357  H H8     . G A 1 11 ? 10.095  7.852   -8.988  1.00 1.71 ? 11 G A H8     1 
ATOM 358  H H1     . G A 1 11 ? 4.535   6.356   -11.818 1.00 1.33 ? 11 G A H1     1 
ATOM 359  H H21    . G A 1 11 ? 3.840   8.054   -13.054 1.00 1.61 ? 11 G A H21    1 
ATOM 360  H H22    . G A 1 11 ? 4.759   9.538   -13.185 1.00 1.81 ? 11 G A H22    1 
ATOM 361  P P      . C A 1 12 ? 8.390   12.711  -6.667  1.00 2.48 ? 12 C A P      1 
ATOM 362  O OP1    . C A 1 12 ? 8.505   14.127  -6.251  1.00 2.87 ? 12 C A OP1    1 
ATOM 363  O OP2    . C A 1 12 ? 8.659   11.631  -5.691  1.00 2.53 ? 12 C A OP2    1 
ATOM 364  O "O5'"  . C A 1 12 ? 6.917   12.479  -7.278  1.00 2.24 ? 12 C A "O5'"  1 
ATOM 365  C "C5'"  . C A 1 12 ? 6.301   13.479  -8.098  1.00 2.34 ? 12 C A "C5'"  1 
ATOM 366  C "C4'"  . C A 1 12 ? 4.887   13.085  -8.511  1.00 2.13 ? 12 C A "C4'"  1 
ATOM 367  O "O4'"  . C A 1 12 ? 4.923   11.886  -9.292  1.00 1.92 ? 12 C A "O4'"  1 
ATOM 368  C "C3'"  . C A 1 12 ? 3.962   12.716  -7.371  1.00 2.02 ? 12 C A "C3'"  1 
ATOM 369  O "O3'"  . C A 1 12 ? 3.392   13.930  -6.863  1.00 2.25 ? 12 C A "O3'"  1 
ATOM 370  C "C2'"  . C A 1 12 ? 2.870   11.956  -8.106  1.00 1.83 ? 12 C A "C2'"  1 
ATOM 371  O "O2'"  . C A 1 12 ? 2.003   12.859  -8.800  1.00 1.99 ? 12 C A "O2'"  1 
ATOM 372  C "C1'"  . C A 1 12 ? 3.703   11.138  -9.101  1.00 1.74 ? 12 C A "C1'"  1 
ATOM 373  N N1     . C A 1 12 ? 4.035   9.790   -8.589  1.00 1.57 ? 12 C A N1     1 
ATOM 374  C C2     . C A 1 12 ? 3.070   8.802   -8.715  1.00 1.43 ? 12 C A C2     1 
ATOM 375  O O2     . C A 1 12 ? 1.984   9.054   -9.226  1.00 1.47 ? 12 C A O2     1 
ATOM 376  N N3     . C A 1 12 ? 3.348   7.552   -8.258  1.00 1.36 ? 12 C A N3     1 
ATOM 377  C C4     . C A 1 12 ? 4.531   7.280   -7.697  1.00 1.46 ? 12 C A C4     1 
ATOM 378  N N4     . C A 1 12 ? 4.739   6.038   -7.270  1.00 1.50 ? 12 C A N4     1 
ATOM 379  C C5     . C A 1 12 ? 5.534   8.290   -7.563  1.00 1.63 ? 12 C A C5     1 
ATOM 380  C C6     . C A 1 12 ? 5.246   9.525   -8.019  1.00 1.66 ? 12 C A C6     1 
ATOM 381  H "H5'"  . C A 1 12 ? 6.904   13.627  -8.995  1.00 2.41 ? 12 C A "H5'"  1 
ATOM 382  H "H5''" . C A 1 12 ? 6.258   14.417  -7.542  1.00 2.58 ? 12 C A "H5''" 1 
ATOM 383  H "H4'"  . C A 1 12 ? 4.456   13.887  -9.110  1.00 2.29 ? 12 C A "H4'"  1 
ATOM 384  H "H3'"  . C A 1 12 ? 4.446   12.129  -6.591  1.00 2.01 ? 12 C A "H3'"  1 
ATOM 385  H "H2'"  . C A 1 12 ? 2.312   11.309  -7.432  1.00 1.73 ? 12 C A "H2'"  1 
ATOM 386  H "HO2'" . C A 1 12 ? 1.672   13.487  -8.155  1.00 2.06 ? 12 C A "HO2'" 1 
ATOM 387  H "H1'"  . C A 1 12 ? 3.183   11.045  -10.056 1.00 1.76 ? 12 C A "H1'"  1 
ATOM 388  H H41    . C A 1 12 ? 4.011   5.341   -7.366  1.00 1.44 ? 12 C A H41    1 
ATOM 389  H H42    . C A 1 12 ? 5.624   5.788   -6.849  1.00 1.66 ? 12 C A H42    1 
ATOM 390  H H5     . C A 1 12 ? 6.502   8.079   -7.107  1.00 1.79 ? 12 C A H5     1 
ATOM 391  H H6     . C A 1 12 ? 5.989   10.319  -7.932  1.00 1.85 ? 12 C A H6     1 
ATOM 392  P P      . U A 1 13 ? 2.976   14.054  -5.310  1.00 2.40 ? 13 U A P      1 
ATOM 393  O OP1    . U A 1 13 ? 2.639   15.467  -5.030  1.00 2.43 ? 13 U A OP1    1 
ATOM 394  O OP2    . U A 1 13 ? 4.004   13.363  -4.499  1.00 3.17 ? 13 U A OP2    1 
ATOM 395  O "O5'"  . U A 1 13 ? 1.620   13.186  -5.245  1.00 2.16 ? 13 U A "O5'"  1 
ATOM 396  C "C5'"  . U A 1 13 ? 0.429   13.643  -5.896  1.00 1.95 ? 13 U A "C5'"  1 
ATOM 397  C "C4'"  . U A 1 13 ? -0.570  12.511  -6.117  1.00 1.92 ? 13 U A "C4'"  1 
ATOM 398  O "O4'"  . U A 1 13 ? 0.045   11.467  -6.883  1.00 1.80 ? 13 U A "O4'"  1 
ATOM 399  C "C3'"  . U A 1 13 ? -1.019  11.790  -4.861  1.00 1.97 ? 13 U A "C3'"  1 
ATOM 400  O "O3'"  . U A 1 13 ? -2.121  12.520  -4.307  1.00 2.17 ? 13 U A "O3'"  1 
ATOM 401  C "C2'"  . U A 1 13 ? -1.563  10.496  -5.436  1.00 1.90 ? 13 U A "C2'"  1 
ATOM 402  O "O2'"  . U A 1 13 ? -2.846  10.704  -6.036  1.00 2.01 ? 13 U A "O2'"  1 
ATOM 403  C "C1'"  . U A 1 13 ? -0.507  10.188  -6.503  1.00 1.76 ? 13 U A "C1'"  1 
ATOM 404  N N1     . U A 1 13 ? 0.577   9.327   -5.982  1.00 1.69 ? 13 U A N1     1 
ATOM 405  C C2     . U A 1 13 ? 0.427   7.962   -6.126  1.00 1.68 ? 13 U A C2     1 
ATOM 406  O O2     . U A 1 13 ? -0.524  7.464   -6.725  1.00 1.73 ? 13 U A O2     1 
ATOM 407  N N3     . U A 1 13 ? 1.428   7.179   -5.587  1.00 1.71 ? 13 U A N3     1 
ATOM 408  C C4     . U A 1 13 ? 2.552   7.641   -4.935  1.00 1.71 ? 13 U A C4     1 
ATOM 409  O O4     . U A 1 13 ? 3.377   6.844   -4.505  1.00 1.79 ? 13 U A O4     1 
ATOM 410  C C5     . U A 1 13 ? 2.643   9.078   -4.828  1.00 1.72 ? 13 U A C5     1 
ATOM 411  C C6     . U A 1 13 ? 1.666   9.863   -5.346  1.00 1.73 ? 13 U A C6     1 
ATOM 412  H "H5'"  . U A 1 13 ? 0.693   14.074  -6.861  1.00 2.13 ? 13 U A "H5'"  1 
ATOM 413  H "H5''" . U A 1 13 ? -0.038  14.413  -5.281  1.00 2.14 ? 13 U A "H5''" 1 
ATOM 414  H "H4'"  . U A 1 13 ? -1.429  12.897  -6.665  1.00 2.01 ? 13 U A "H4'"  1 
ATOM 415  H "H3'"  . U A 1 13 ? -0.220  11.638  -4.135  1.00 1.96 ? 13 U A "H3'"  1 
ATOM 416  H "H2'"  . U A 1 13 ? -1.602  9.711   -4.683  1.00 1.92 ? 13 U A "H2'"  1 
ATOM 417  H "HO2'" . U A 1 13 ? -3.369  11.215  -5.411  1.00 2.09 ? 13 U A "HO2'" 1 
ATOM 418  H "H1'"  . U A 1 13 ? -0.959  9.716   -7.374  1.00 1.76 ? 13 U A "H1'"  1 
ATOM 419  H H3     . U A 1 13 ? 1.320   6.174   -5.658  1.00 1.78 ? 13 U A H3     1 
ATOM 420  H H5     . U A 1 13 ? 3.498   9.533   -4.329  1.00 1.80 ? 13 U A H5     1 
ATOM 421  H H6     . U A 1 13 ? 1.752   10.946  -5.257  1.00 1.83 ? 13 U A H6     1 
ATOM 422  P P      . A A 1 14 ? -1.874  13.633  -3.168  1.00 2.29 ? 14 A A P      1 
ATOM 423  O OP1    . A A 1 14 ? -1.803  14.957  -3.824  1.00 2.89 ? 14 A A OP1    1 
ATOM 424  O OP2    . A A 1 14 ? -0.758  13.177  -2.307  1.00 2.76 ? 14 A A OP2    1 
ATOM 425  O "O5'"  . A A 1 14 ? -3.236  13.573  -2.306  1.00 2.08 ? 14 A A "O5'"  1 
ATOM 426  C "C5'"  . A A 1 14 ? -3.448  12.548  -1.324  1.00 1.83 ? 14 A A "C5'"  1 
ATOM 427  C "C4'"  . A A 1 14 ? -4.311  11.413  -1.868  1.00 1.52 ? 14 A A "C4'"  1 
ATOM 428  O "O4'"  . A A 1 14 ? -3.575  10.679  -2.854  1.00 1.43 ? 14 A A "O4'"  1 
ATOM 429  C "C3'"  . A A 1 14 ? -4.688  10.350  -0.855  1.00 1.43 ? 14 A A "C3'"  1 
ATOM 430  O "O3'"  . A A 1 14 ? -5.886  10.793  -0.200  1.00 1.53 ? 14 A A "O3'"  1 
ATOM 431  C "C2'"  . A A 1 14 ? -5.049  9.180   -1.758  1.00 1.33 ? 14 A A "C2'"  1 
ATOM 432  O "O2'"  . A A 1 14 ? -6.348  9.358   -2.331  1.00 1.46 ? 14 A A "O2'"  1 
ATOM 433  C "C1'"  . A A 1 14 ? -3.969  9.292   -2.838  1.00 1.30 ? 14 A A "C1'"  1 
ATOM 434  N N9     . A A 1 14 ? -2.784  8.461   -2.545  1.00 1.32 ? 14 A A N9     1 
ATOM 435  C C8     . A A 1 14 ? -1.488  8.858   -2.334  1.00 1.48 ? 14 A A C8     1 
ATOM 436  N N7     . A A 1 14 ? -0.667  7.867   -2.111  1.00 1.61 ? 14 A A N7     1 
ATOM 437  C C5     . A A 1 14 ? -1.482  6.740   -2.180  1.00 1.56 ? 14 A A C5     1 
ATOM 438  C C6     . A A 1 14 ? -1.224  5.368   -2.033  1.00 1.78 ? 14 A A C6     1 
ATOM 439  N N6     . A A 1 14 ? -0.020  4.869   -1.775  1.00 2.02 ? 14 A A N6     1 
ATOM 440  N N1     . A A 1 14 ? -2.254  4.519   -2.162  1.00 1.86 ? 14 A A N1     1 
ATOM 441  C C2     . A A 1 14 ? -3.461  5.006   -2.420  1.00 1.75 ? 14 A A C2     1 
ATOM 442  N N3     . A A 1 14 ? -3.834  6.267   -2.580  1.00 1.52 ? 14 A A N3     1 
ATOM 443  C C4     . A A 1 14 ? -2.774  7.091   -2.445  1.00 1.41 ? 14 A A C4     1 
ATOM 444  H "H5'"  . A A 1 14 ? -3.945  12.987  -0.459  1.00 2.19 ? 14 A A "H5'"  1 
ATOM 445  H "H5''" . A A 1 14 ? -2.485  12.144  -1.013  1.00 2.10 ? 14 A A "H5''" 1 
ATOM 446  H "H4'"  . A A 1 14 ? -5.203  11.835  -2.332  1.00 1.59 ? 14 A A "H4'"  1 
ATOM 447  H "H3'"  . A A 1 14 ? -3.889  10.122  -0.148  1.00 1.53 ? 14 A A "H3'"  1 
ATOM 448  H "H2'"  . A A 1 14 ? -4.978  8.232   -1.224  1.00 1.39 ? 14 A A "H2'"  1 
ATOM 449  H "HO2'" . A A 1 14 ? -6.802  8.512   -2.268  1.00 1.69 ? 14 A A "HO2'" 1 
ATOM 450  H "H1'"  . A A 1 14 ? -4.368  9.019   -3.814  1.00 1.38 ? 14 A A "H1'"  1 
ATOM 451  H H8     . A A 1 14 ? -1.172  9.901   -2.359  1.00 1.61 ? 14 A A H8     1 
ATOM 452  H H61    . A A 1 14 ? 0.111   3.868   -1.719  1.00 2.21 ? 14 A A H61    1 
ATOM 453  H H62    . A A 1 14 ? 0.764   5.488   -1.635  1.00 2.07 ? 14 A A H62    1 
ATOM 454  H H2     . A A 1 14 ? -4.256  4.265   -2.513  1.00 1.96 ? 14 A A H2     1 
ATOM 455  P P      . G A 1 15 ? -6.397  10.097  1.163   1.00 1.66 ? 15 G A P      1 
ATOM 456  O OP1    . G A 1 15 ? -7.420  10.974  1.776   1.00 1.85 ? 15 G A OP1    1 
ATOM 457  O OP2    . G A 1 15 ? -5.210  9.689   1.950   1.00 1.67 ? 15 G A OP2    1 
ATOM 458  O "O5'"  . G A 1 15 ? -7.130  8.762   0.632   1.00 1.65 ? 15 G A "O5'"  1 
ATOM 459  C "C5'"  . G A 1 15 ? -8.148  8.835   -0.374  1.00 1.74 ? 15 G A "C5'"  1 
ATOM 460  C "C4'"  . G A 1 15 ? -8.366  7.485   -1.053  1.00 1.78 ? 15 G A "C4'"  1 
ATOM 461  O "O4'"  . G A 1 15 ? -7.099  6.962   -1.476  1.00 1.68 ? 15 G A "O4'"  1 
ATOM 462  C "C3'"  . G A 1 15 ? -8.920  6.398   -0.151  1.00 1.82 ? 15 G A "C3'"  1 
ATOM 463  O "O3'"  . G A 1 15 ? -10.351 6.460   -0.237  1.00 2.00 ? 15 G A "O3'"  1 
ATOM 464  C "C2'"  . G A 1 15 ? -8.467  5.135   -0.863  1.00 1.82 ? 15 G A "C2'"  1 
ATOM 465  O "O2'"  . G A 1 15 ? -9.284  4.879   -2.010  1.00 1.98 ? 15 G A "O2'"  1 
ATOM 466  C "C1'"  . G A 1 15 ? -7.054  5.533   -1.289  1.00 1.70 ? 15 G A "C1'"  1 
ATOM 467  N N9     . G A 1 15 ? -6.049  5.231   -0.250  1.00 1.58 ? 15 G A N9     1 
ATOM 468  C C8     . G A 1 15 ? -5.457  6.091   0.638   1.00 1.51 ? 15 G A C8     1 
ATOM 469  N N7     . G A 1 15 ? -4.613  5.513   1.446   1.00 1.45 ? 15 G A N7     1 
ATOM 470  C C5     . G A 1 15 ? -4.648  4.175   1.067   1.00 1.49 ? 15 G A C5     1 
ATOM 471  C C6     . G A 1 15 ? -3.938  3.059   1.588   1.00 1.50 ? 15 G A C6     1 
ATOM 472  O O6     . G A 1 15 ? -3.132  3.031   2.512   1.00 1.48 ? 15 G A O6     1 
ATOM 473  N N1     . G A 1 15 ? -4.263  1.893   0.922   1.00 1.59 ? 15 G A N1     1 
ATOM 474  C C2     . G A 1 15 ? -5.156  1.800   -0.114  1.00 1.67 ? 15 G A C2     1 
ATOM 475  N N2     . G A 1 15 ? -5.345  0.599   -0.636  1.00 1.79 ? 15 G A N2     1 
ATOM 476  N N3     . G A 1 15 ? -5.830  2.834   -0.614  1.00 1.66 ? 15 G A N3     1 
ATOM 477  C C4     . G A 1 15 ? -5.526  3.990   0.026   1.00 1.57 ? 15 G A C4     1 
ATOM 478  H "H5'"  . G A 1 15 ? -7.853  9.566   -1.127  1.00 1.74 ? 15 G A "H5'"  1 
ATOM 479  H "H5''" . G A 1 15 ? -9.083  9.157   0.086   1.00 1.85 ? 15 G A "H5''" 1 
ATOM 480  H "H4'"  . G A 1 15 ? -9.006  7.624   -1.925  1.00 1.89 ? 15 G A "H4'"  1 
ATOM 481  H "H3'"  . G A 1 15 ? -8.565  6.465   0.879   1.00 1.77 ? 15 G A "H3'"  1 
ATOM 482  H "H2'"  . G A 1 15 ? -8.450  4.279   -0.189  1.00 1.83 ? 15 G A "H2'"  1 
ATOM 483  H "HO2'" . G A 1 15 ? -10.198 4.991   -1.737  1.00 1.94 ? 15 G A "HO2'" 1 
ATOM 484  H "H1'"  . G A 1 15 ? -6.772  5.049   -2.224  1.00 1.74 ? 15 G A "H1'"  1 
ATOM 485  H H8     . G A 1 15 ? -5.670  7.160   0.663   1.00 1.53 ? 15 G A H8     1 
ATOM 486  H H1     . G A 1 15 ? -3.801  1.051   1.225   1.00 1.64 ? 15 G A H1     1 
ATOM 487  H H21    . G A 1 15 ? -4.829  -0.194  -0.280  1.00 1.82 ? 15 G A H21    1 
ATOM 488  H H22    . G A 1 15 ? -6.004  0.475   -1.389  1.00 1.87 ? 15 G A H22    1 
ATOM 489  P P      . C A 1 16 ? -11.273 5.958   0.984   1.00 2.08 ? 16 C A P      1 
ATOM 490  O OP1    . C A 1 16 ? -12.682 6.285   0.668   1.00 2.31 ? 16 C A OP1    1 
ATOM 491  O OP2    . C A 1 16 ? -10.671 6.435   2.250   1.00 1.95 ? 16 C A OP2    1 
ATOM 492  O "O5'"  . C A 1 16 ? -11.098 4.358   0.920   1.00 2.07 ? 16 C A "O5'"  1 
ATOM 493  C "C5'"  . C A 1 16 ? -11.735 3.591   -0.109  1.00 2.21 ? 16 C A "C5'"  1 
ATOM 494  C "C4'"  . C A 1 16 ? -11.309 2.127   -0.062  1.00 2.17 ? 16 C A "C4'"  1 
ATOM 495  O "O4'"  . C A 1 16 ? -9.888  2.039   -0.232  1.00 2.08 ? 16 C A "O4'"  1 
ATOM 496  C "C3'"  . C A 1 16 ? -11.551 1.435   1.265   1.00 2.08 ? 16 C A "C3'"  1 
ATOM 497  O "O3'"  . C A 1 16 ? -12.878 0.894   1.230   1.00 2.23 ? 16 C A "O3'"  1 
ATOM 498  C "C2'"  . C A 1 16 ? -10.568 0.277   1.198   1.00 2.04 ? 16 C A "C2'"  1 
ATOM 499  O "O2'"  . C A 1 16 ? -11.062 -0.766  0.350   1.00 2.20 ? 16 C A "O2'"  1 
ATOM 500  C "C1'"  . C A 1 16 ? -9.354  0.961   0.562   1.00 2.00 ? 16 C A "C1'"  1 
ATOM 501  N N1     . C A 1 16 ? -8.431  1.527   1.572   1.00 1.84 ? 16 C A N1     1 
ATOM 502  C C2     . C A 1 16 ? -7.390  0.725   2.017   1.00 1.81 ? 16 C A C2     1 
ATOM 503  O O2     . C A 1 16 ? -7.248  -0.411  1.575   1.00 1.94 ? 16 C A O2     1 
ATOM 504  N N3     . C A 1 16 ? -6.531  1.224   2.945   1.00 1.69 ? 16 C A N3     1 
ATOM 505  C C4     . C A 1 16 ? -6.688  2.464   3.421   1.00 1.60 ? 16 C A C4     1 
ATOM 506  N N4     . C A 1 16 ? -5.812  2.894   4.324   1.00 1.51 ? 16 C A N4     1 
ATOM 507  C C5     . C A 1 16 ? -7.756  3.297   2.969   1.00 1.66 ? 16 C A C5     1 
ATOM 508  C C6     . C A 1 16 ? -8.600  2.793   2.051   1.00 1.78 ? 16 C A C6     1 
ATOM 509  H "H5'"  . C A 1 16 ? -11.472 4.007   -1.082  1.00 2.29 ? 16 C A "H5'"  1 
ATOM 510  H "H5''" . C A 1 16 ? -12.815 3.649   0.022   1.00 2.32 ? 16 C A "H5''" 1 
ATOM 511  H "H4'"  . C A 1 16 ? -11.799 1.588   -0.873  1.00 2.29 ? 16 C A "H4'"  1 
ATOM 512  H "H3'"  . C A 1 16 ? -11.393 2.085   2.127   1.00 2.00 ? 16 C A "H3'"  1 
ATOM 513  H "H2'"  . C A 1 16 ? -10.332 -0.100  2.191   1.00 1.96 ? 16 C A "H2'"  1 
ATOM 514  H "HO2'" . C A 1 16 ? -10.912 -1.599  0.808   1.00 2.26 ? 16 C A "HO2'" 1 
ATOM 515  H "H1'"  . C A 1 16 ? -8.809  0.271   -0.082  1.00 2.07 ? 16 C A "H1'"  1 
ATOM 516  H H41    . C A 1 16 ? -5.095  2.269   4.670   1.00 1.50 ? 16 C A H41    1 
ATOM 517  H H42    . C A 1 16 ? -5.863  3.843   4.665   1.00 1.48 ? 16 C A H42    1 
ATOM 518  H H5     . C A 1 16 ? -7.891  4.311   3.349   1.00 1.65 ? 16 C A H5     1 
ATOM 519  H H6     . C A 1 16 ? -9.429  3.402   1.687   1.00 1.86 ? 16 C A H6     1 
ATOM 520  P P      . G A 1 17 ? -13.591 0.373   2.579   1.00 2.23 ? 17 G A P      1 
ATOM 521  O OP1    . G A 1 17 ? -15.005 0.062   2.266   1.00 2.47 ? 17 G A OP1    1 
ATOM 522  O OP2    . G A 1 17 ? -13.269 1.320   3.670   1.00 2.12 ? 17 G A OP2    1 
ATOM 523  O "O5'"  . G A 1 17 ? -12.822 -1.010  2.873   1.00 2.13 ? 17 G A "O5'"  1 
ATOM 524  C "C5'"  . G A 1 17 ? -12.960 -2.126  1.985   1.00 2.24 ? 17 G A "C5'"  1 
ATOM 525  C "C4'"  . G A 1 17 ? -12.019 -3.265  2.363   1.00 2.18 ? 17 G A "C4'"  1 
ATOM 526  O "O4'"  . G A 1 17 ? -10.662 -2.804  2.318   1.00 2.15 ? 17 G A "O4'"  1 
ATOM 527  C "C3'"  . G A 1 17 ? -12.171 -3.771  3.783   1.00 2.02 ? 17 G A "C3'"  1 
ATOM 528  O "O3'"  . G A 1 17 ? -13.185 -4.786  3.768   1.00 2.16 ? 17 G A "O3'"  1 
ATOM 529  C "C2'"  . G A 1 17 ? -10.833 -4.449  4.015   1.00 2.02 ? 17 G A "C2'"  1 
ATOM 530  O "O2'"  . G A 1 17 ? -10.784 -5.716  3.353   1.00 2.26 ? 17 G A "O2'"  1 
ATOM 531  C "C1'"  . G A 1 17 ? -9.883  -3.450  3.347   1.00 2.02 ? 17 G A "C1'"  1 
ATOM 532  N N9     . G A 1 17 ? -9.392  -2.419  4.284   1.00 1.80 ? 17 G A N9     1 
ATOM 533  C C8     . G A 1 17 ? -9.919  -1.181  4.547   1.00 1.74 ? 17 G A C8     1 
ATOM 534  N N7     . G A 1 17 ? -9.245  -0.500  5.431   1.00 1.61 ? 17 G A N7     1 
ATOM 535  C C5     . G A 1 17 ? -8.197  -1.347  5.778   1.00 1.54 ? 17 G A C5     1 
ATOM 536  C C6     . G A 1 17 ? -7.132  -1.152  6.699   1.00 1.42 ? 17 G A C6     1 
ATOM 537  O O6     . G A 1 17 ? -6.899  -0.174  7.402   1.00 1.36 ? 17 G A O6     1 
ATOM 538  N N1     . G A 1 17 ? -6.294  -2.250  6.750   1.00 1.48 ? 17 G A N1     1 
ATOM 539  C C2     . G A 1 17 ? -6.453  -3.395  6.011   1.00 1.68 ? 17 G A C2     1 
ATOM 540  N N2     . G A 1 17 ? -5.550  -4.348  6.182   1.00 1.83 ? 17 G A N2     1 
ATOM 541  N N3     . G A 1 17 ? -7.443  -3.594  5.144   1.00 1.78 ? 17 G A N3     1 
ATOM 542  C C4     . G A 1 17 ? -8.277  -2.528  5.080   1.00 1.68 ? 17 G A C4     1 
ATOM 543  H "H5'"  . G A 1 17 ? -12.736 -1.803  0.967   1.00 2.39 ? 17 G A "H5'"  1 
ATOM 544  H "H5''" . G A 1 17 ? -13.987 -2.487  2.026   1.00 2.31 ? 17 G A "H5''" 1 
ATOM 545  H "H4'"  . G A 1 17 ? -12.143 -4.079  1.649   1.00 2.34 ? 17 G A "H4'"  1 
ATOM 546  H "H3'"  . G A 1 17 ? -12.388 -2.982  4.505   1.00 1.92 ? 17 G A "H3'"  1 
ATOM 547  H "H2'"  . G A 1 17 ? -10.615 -4.549  5.078   1.00 1.91 ? 17 G A "H2'"  1 
ATOM 548  H "HO2'" . G A 1 17 ? -11.531 -6.230  3.669   1.00 2.21 ? 17 G A "HO2'" 1 
ATOM 549  H "H1'"  . G A 1 17 ? -9.035  -3.961  2.892   1.00 2.17 ? 17 G A "H1'"  1 
ATOM 550  H H8     . G A 1 17 ? -10.820 -0.800  4.062   1.00 1.85 ? 17 G A H8     1 
ATOM 551  H H1     . G A 1 17 ? -5.509  -2.199  7.382   1.00 1.44 ? 17 G A H1     1 
ATOM 552  H H21    . G A 1 17 ? -4.789  -4.214  6.832   1.00 1.77 ? 17 G A H21    1 
ATOM 553  H H22    . G A 1 17 ? -5.623  -5.208  5.660   1.00 2.03 ? 17 G A H22    1 
ATOM 554  P P      . C A 1 18 ? -14.335 -4.815  4.895   1.00 2.08 ? 18 C A P      1 
ATOM 555  O OP1    . C A 1 18 ? -15.441 -5.670  4.408   1.00 2.32 ? 18 C A OP1    1 
ATOM 556  O OP2    . C A 1 18 ? -14.609 -3.424  5.320   1.00 1.98 ? 18 C A OP2    1 
ATOM 557  O "O5'"  . C A 1 18 ? -13.607 -5.575  6.114   1.00 1.95 ? 18 C A "O5'"  1 
ATOM 558  C "C5'"  . C A 1 18 ? -13.337 -6.981  6.045   1.00 2.11 ? 18 C A "C5'"  1 
ATOM 559  C "C4'"  . C A 1 18 ? -12.248 -7.396  7.028   1.00 2.06 ? 18 C A "C4'"  1 
ATOM 560  O "O4'"  . C A 1 18 ? -11.039 -6.685  6.731   1.00 1.97 ? 18 C A "O4'"  1 
ATOM 561  C "C3'"  . C A 1 18 ? -12.521 -7.037  8.477   1.00 1.94 ? 18 C A "C3'"  1 
ATOM 562  O "O3'"  . C A 1 18 ? -13.267 -8.117  9.056   1.00 2.14 ? 18 C A "O3'"  1 
ATOM 563  C "C2'"  . C A 1 18 ? -11.120 -7.064  9.068   1.00 1.90 ? 18 C A "C2'"  1 
ATOM 564  O "O2'"  . C A 1 18 ? -10.682 -8.409  9.286   1.00 2.16 ? 18 C A "O2'"  1 
ATOM 565  C "C1'"  . C A 1 18 ? -10.312 -6.406  7.945   1.00 1.84 ? 18 C A "C1'"  1 
ATOM 566  N N1     . C A 1 18 ? -10.202 -4.939  8.110   1.00 1.63 ? 18 C A N1     1 
ATOM 567  C C2     . C A 1 18 ? -9.143  -4.449  8.864   1.00 1.56 ? 18 C A C2     1 
ATOM 568  O O2     . C A 1 18 ? -8.331  -5.217  9.369   1.00 1.70 ? 18 C A O2     1 
ATOM 569  N N3     . C A 1 18 ? -9.026  -3.104  9.031   1.00 1.44 ? 18 C A N3     1 
ATOM 570  C C4     . C A 1 18 ? -9.913  -2.269  8.477   1.00 1.42 ? 18 C A C4     1 
ATOM 571  N N4     . C A 1 18 ? -9.743  -0.966  8.679   1.00 1.43 ? 18 C A N4     1 
ATOM 572  C C5     . C A 1 18 ? -11.005 -2.762  7.698   1.00 1.52 ? 18 C A C5     1 
ATOM 573  C C6     . C A 1 18 ? -11.111 -4.094  7.541   1.00 1.60 ? 18 C A C6     1 
ATOM 574  H "H5'"  . C A 1 18 ? -13.018 -7.236  5.034   1.00 2.25 ? 18 C A "H5'"  1 
ATOM 575  H "H5''" . C A 1 18 ? -14.250 -7.529  6.278   1.00 2.21 ? 18 C A "H5''" 1 
ATOM 576  H "H4'"  . C A 1 18 ? -12.066 -8.466  6.928   1.00 2.25 ? 18 C A "H4'"  1 
ATOM 577  H "H3'"  . C A 1 18 ? -13.022 -6.075  8.598   1.00 1.84 ? 18 C A "H3'"  1 
ATOM 578  H "H2'"  . C A 1 18 ? -11.065 -6.479  9.983   1.00 1.81 ? 18 C A "H2'"  1 
ATOM 579  H "HO2'" . C A 1 18 ? -10.534 -8.509  10.231  1.00 2.35 ? 18 C A "HO2'" 1 
ATOM 580  H "H1'"  . C A 1 18 ? -9.314  -6.839  7.876   1.00 1.95 ? 18 C A "H1'"  1 
ATOM 581  H H41    . C A 1 18 ? -9.000  -0.640  9.284   1.00 1.40 ? 18 C A H41    1 
ATOM 582  H H42    . C A 1 18 ? -10.352 -0.301  8.225   1.00 1.55 ? 18 C A H42    1 
ATOM 583  H H5     . C A 1 18 ? -11.733 -2.090  7.244   1.00 1.62 ? 18 C A H5     1 
ATOM 584  H H6     . C A 1 18 ? -11.931 -4.503  6.949   1.00 1.72 ? 18 C A H6     1 
ATOM 585  P P      . C A 1 19 ? -14.167 -7.890  10.375  1.00 2.19 ? 19 C A P      1 
ATOM 586  O OP1    . C A 1 19 ? -14.992 -9.100  10.590  1.00 2.46 ? 19 C A OP1    1 
ATOM 587  O OP2    . C A 1 19 ? -14.816 -6.562  10.270  1.00 2.10 ? 19 C A OP2    1 
ATOM 588  O "O5'"  . C A 1 19 ? -13.063 -7.813  11.546  1.00 2.13 ? 19 C A "O5'"  1 
ATOM 589  C "C5'"  . C A 1 19 ? -12.300 -8.970  11.916  1.00 2.29 ? 19 C A "C5'"  1 
ATOM 590  C "C4'"  . C A 1 19 ? -11.007 -8.581  12.626  1.00 2.20 ? 19 C A "C4'"  1 
ATOM 591  O "O4'"  . C A 1 19 ? -10.300 -7.636  11.810  1.00 1.96 ? 19 C A "O4'"  1 
ATOM 592  C "C3'"  . C A 1 19 ? -11.188 -7.849  13.946  1.00 2.21 ? 19 C A "C3'"  1 
ATOM 593  O "O3'"  . C A 1 19 ? -11.238 -8.834  14.989  1.00 2.50 ? 19 C A "O3'"  1 
ATOM 594  C "C2'"  . C A 1 19 ? -9.867  -7.107  14.070  1.00 2.05 ? 19 C A "C2'"  1 
ATOM 595  O "O2'"  . C A 1 19 ? -8.819  -8.000  14.456  1.00 2.21 ? 19 C A "O2'"  1 
ATOM 596  C "C1'"  . C A 1 19 ? -9.661  -6.641  12.631  1.00 1.84 ? 19 C A "C1'"  1 
ATOM 597  N N1     . C A 1 19 ? -10.294 -5.329  12.365  1.00 1.68 ? 19 C A N1     1 
ATOM 598  C C2     . C A 1 19 ? -9.519  -4.193  12.538  1.00 1.55 ? 19 C A C2     1 
ATOM 599  O O2     . C A 1 19 ? -8.354  -4.287  12.910  1.00 1.54 ? 19 C A O2     1 
ATOM 600  N N3     . C A 1 19 ? -10.077 -2.977  12.296  1.00 1.52 ? 19 C A N3     1 
ATOM 601  C C4     . C A 1 19 ? -11.350 -2.879  11.898  1.00 1.60 ? 19 C A C4     1 
ATOM 602  N N4     . C A 1 19 ? -11.838 -1.664  11.675  1.00 1.67 ? 19 C A N4     1 
ATOM 603  C C5     . C A 1 19 ? -12.158 -4.044  11.718  1.00 1.69 ? 19 C A C5     1 
ATOM 604  C C6     . C A 1 19 ? -11.595 -5.241  11.962  1.00 1.74 ? 19 C A C6     1 
ATOM 605  H "H5'"  . C A 1 19 ? -12.054 -9.538  11.018  1.00 2.33 ? 19 C A "H5'"  1 
ATOM 606  H "H5''" . C A 1 19 ? -12.897 -9.595  12.581  1.00 2.51 ? 19 C A "H5''" 1 
ATOM 607  H "H4'"  . C A 1 19 ? -10.391 -9.470  12.760  1.00 2.36 ? 19 C A "H4'"  1 
ATOM 608  H "H3'"  . C A 1 19 ? -12.056 -7.189  13.961  1.00 2.19 ? 19 C A "H3'"  1 
ATOM 609  H "H2'"  . C A 1 19 ? -9.945  -6.263  14.754  1.00 2.03 ? 19 C A "H2'"  1 
ATOM 610  H "HO2'" . C A 1 19 ? -8.377  -7.612  15.220  1.00 2.43 ? 19 C A "HO2'" 1 
ATOM 611  H "H1'"  . C A 1 19 ? -8.600  -6.592  12.381  1.00 1.82 ? 19 C A "H1'"  1 
ATOM 612  H H41    . C A 1 19 ? -11.275 -0.849  11.883  1.00 1.67 ? 19 C A H41    1 
ATOM 613  H H42    . C A 1 19 ? -12.769 -1.552  11.302  1.00 1.77 ? 19 C A H42    1 
ATOM 614  H H5     . C A 1 19 ? -13.197 -3.976  11.395  1.00 1.79 ? 19 C A H5     1 
ATOM 615  H H6     . C A 1 19 ? -12.183 -6.150  11.835  1.00 1.89 ? 19 C A H6     1 
ATOM 616  P P      . A A 1 20 ? -11.559 -8.415  16.517  1.00 2.69 ? 20 A A P      1 
ATOM 617  O OP1    . A A 1 20 ? -12.075 -9.608  17.225  1.00 3.13 ? 20 A A OP1    1 
ATOM 618  O OP2    . A A 1 20 ? -12.358 -7.168  16.494  1.00 2.69 ? 20 A A OP2    1 
ATOM 619  O "O5'"  . A A 1 20 ? -10.101 -8.065  17.111  1.00 2.92 ? 20 A A "O5'"  1 
ATOM 620  C "C5'"  . A A 1 20 ? -9.019  -9.000  16.996  1.00 3.09 ? 20 A A "C5'"  1 
ATOM 621  C "C4'"  . A A 1 20 ? -7.664  -8.324  17.186  1.00 2.84 ? 20 A A "C4'"  1 
ATOM 622  O "O4'"  . A A 1 20 ? -7.621  -7.123  16.400  1.00 2.52 ? 20 A A "O4'"  1 
ATOM 623  C "C3'"  . A A 1 20 ? -7.376  -7.830  18.592  1.00 2.70 ? 20 A A "C3'"  1 
ATOM 624  O "O3'"  . A A 1 20 ? -6.757  -8.906  19.314  1.00 3.02 ? 20 A A "O3'"  1 
ATOM 625  C "C2'"  . A A 1 20 ? -6.312  -6.777  18.332  1.00 2.40 ? 20 A A "C2'"  1 
ATOM 626  O "O2'"  . A A 1 20 ? -5.050  -7.388  18.040  1.00 2.61 ? 20 A A "O2'"  1 
ATOM 627  C "C1'"  . A A 1 20 ? -6.876  -6.100  17.088  1.00 2.24 ? 20 A A "C1'"  1 
ATOM 628  N N9     . A A 1 20 ? -7.790  -4.991  17.425  1.00 2.03 ? 20 A A N9     1 
ATOM 629  C C8     . A A 1 20 ? -9.151  -4.921  17.267  1.00 2.13 ? 20 A A C8     1 
ATOM 630  N N7     . A A 1 20 ? -9.668  -3.799  17.687  1.00 2.07 ? 20 A A N7     1 
ATOM 631  C C5     . A A 1 20 ? -8.570  -3.081  18.152  1.00 1.88 ? 20 A A C5     1 
ATOM 632  C C6     . A A 1 20 ? -8.440  -1.806  18.727  1.00 1.88 ? 20 A A C6     1 
ATOM 633  N N6     . A A 1 20 ? -9.466  -0.988  18.944  1.00 2.10 ? 20 A A N6     1 
ATOM 634  N N1     . A A 1 20 ? -7.212  -1.400  19.074  1.00 1.78 ? 20 A A N1     1 
ATOM 635  C C2     . A A 1 20 ? -6.181  -2.208  18.862  1.00 1.70 ? 20 A A C2     1 
ATOM 636  N N3     . A A 1 20 ? -6.169  -3.423  18.333  1.00 1.76 ? 20 A A N3     1 
ATOM 637  C C4     . A A 1 20 ? -7.421  -3.799  17.997  1.00 1.83 ? 20 A A C4     1 
ATOM 638  H "H5'"  . A A 1 20 ? -9.049  -9.457  16.006  1.00 3.58 ? 20 A A "H5'"  1 
ATOM 639  H "H5''" . A A 1 20 ? -9.137  -9.779  17.750  1.00 3.30 ? 20 A A "H5''" 1 
ATOM 640  H "H4'"  . A A 1 20 ? -6.878  -9.000  16.848  1.00 3.04 ? 20 A A "H4'"  1 
ATOM 641  H "H3'"  . A A 1 20 ? -8.255  -7.438  19.105  1.00 2.68 ? 20 A A "H3'"  1 
ATOM 642  H "H2'"  . A A 1 20 ? -6.232  -6.076  19.160  1.00 2.26 ? 20 A A "H2'"  1 
ATOM 643  H "HO2'" . A A 1 20 ? -4.833  -7.960  18.783  1.00 2.81 ? 20 A A "HO2'" 1 
ATOM 644  H "H1'"  . A A 1 20 ? -6.077  -5.734  16.446  1.00 2.19 ? 20 A A "H1'"  1 
ATOM 645  H H8     . A A 1 20 ? -9.744  -5.729  16.838  1.00 2.32 ? 20 A A H8     1 
ATOM 646  H H61    . A A 1 20 ? -9.305  -0.076  19.345  1.00 2.20 ? 20 A A H61    1 
ATOM 647  H H62    . A A 1 20 ? -10.403 -1.278  18.705  1.00 2.23 ? 20 A A H62    1 
ATOM 648  H H2     . A A 1 20 ? -5.208  -1.819  19.166  1.00 1.71 ? 20 A A H2     1 
ATOM 649  P P      . C A 1 21 ? -7.290  -9.343  20.773  1.00 3.15 ? 21 C A P      1 
ATOM 650  O OP1    . C A 1 21 ? -7.626  -10.784 20.730  1.00 3.60 ? 21 C A OP1    1 
ATOM 651  O OP2    . C A 1 21 ? -8.310  -8.361  21.209  1.00 3.13 ? 21 C A OP2    1 
ATOM 652  O "O5'"  . C A 1 21 ? -5.985  -9.154  21.705  1.00 2.86 ? 21 C A "O5'"  1 
ATOM 653  C "C5'"  . C A 1 21 ? -4.680  -9.489  21.215  1.00 2.76 ? 21 C A "C5'"  1 
ATOM 654  C "C4'"  . C A 1 21 ? -3.802  -8.250  21.055  1.00 2.43 ? 21 C A "C4'"  1 
ATOM 655  O "O4'"  . C A 1 21 ? -4.578  -7.214  20.454  1.00 2.16 ? 21 C A "O4'"  1 
ATOM 656  C "C3'"  . C A 1 21 ? -3.325  -7.619  22.348  1.00 2.48 ? 21 C A "C3'"  1 
ATOM 657  O "O3'"  . C A 1 21 ? -2.055  -8.198  22.682  1.00 2.73 ? 21 C A "O3'"  1 
ATOM 658  C "C2'"  . C A 1 21 ? -3.067  -6.165  21.964  1.00 2.41 ? 21 C A "C2'"  1 
ATOM 659  O "O2'"  . C A 1 21 ? -1.746  -6.004  21.435  1.00 2.68 ? 21 C A "O2'"  1 
ATOM 660  C "C1'"  . C A 1 21 ? -4.113  -5.918  20.872  1.00 2.11 ? 21 C A "C1'"  1 
ATOM 661  N N1     . C A 1 21 ? -5.264  -5.138  21.360  1.00 2.11 ? 21 C A N1     1 
ATOM 662  C C2     . C A 1 21 ? -5.079  -3.782  21.589  1.00 2.23 ? 21 C A C2     1 
ATOM 663  O O2     . C A 1 21 ? -3.978  -3.267  21.404  1.00 2.33 ? 21 C A O2     1 
ATOM 664  N N3     . C A 1 21 ? -6.135  -3.044  22.019  1.00 2.49 ? 21 C A N3     1 
ATOM 665  C C4     . C A 1 21 ? -7.328  -3.614  22.216  1.00 2.66 ? 21 C A C4     1 
ATOM 666  N N4     . C A 1 21 ? -8.321  -2.838  22.637  1.00 3.10 ? 21 C A N4     1 
ATOM 667  C C5     . C A 1 21 ? -7.523  -5.010  21.982  1.00 2.58 ? 21 C A C5     1 
ATOM 668  C C6     . C A 1 21 ? -6.472  -5.729  21.559  1.00 2.29 ? 21 C A C6     1 
ATOM 669  H "H5'"  . C A 1 21 ? -4.779  -9.978  20.245  1.00 2.94 ? 21 C A "H5'"  1 
ATOM 670  H "H5''" . C A 1 21 ? -4.202  -10.180 21.910  1.00 2.98 ? 21 C A "H5''" 1 
ATOM 671  H "H4'"  . C A 1 21 ? -2.963  -8.496  20.412  1.00 2.60 ? 21 C A "H4'"  1 
ATOM 672  H "H3'"  . C A 1 21 ? -4.038  -7.720  23.154  1.00 2.61 ? 21 C A "H3'"  1 
ATOM 673  H "H2'"  . C A 1 21 ? -3.228  -5.504  22.812  1.00 2.60 ? 21 C A "H2'"  1 
ATOM 674  H "HO2'" . C A 1 21 ? -1.526  -5.072  21.496  1.00 2.89 ? 21 C A "HO2'" 1 
ATOM 675  H "H1'"  . C A 1 21 ? -3.677  -5.401  20.023  1.00 2.15 ? 21 C A "H1'"  1 
ATOM 676  H H41    . C A 1 21 ? -8.165  -1.850  22.773  1.00 3.25 ? 21 C A H41    1 
ATOM 677  H H42    . C A 1 21 ? -9.231  -3.236  22.819  1.00 3.36 ? 21 C A H42    1 
ATOM 678  H H5     . C A 1 21 ? -8.487  -5.485  22.133  1.00 2.89 ? 21 C A H5     1 
ATOM 679  H H6     . C A 1 21 ? -6.586  -6.795  21.367  1.00 2.37 ? 21 C A H6     1 
ATOM 680  P P      . U A 1 22 ? -1.957  -9.631  23.412  1.00 3.01 ? 22 U A P      1 
ATOM 681  O OP1    . U A 1 22 ? -3.207  -9.857  24.170  1.00 3.47 ? 22 U A OP1    1 
ATOM 682  O OP2    . U A 1 22 ? -0.650  -9.708  24.107  1.00 3.06 ? 22 U A OP2    1 
ATOM 683  O "O5'"  . U A 1 22 ? -1.928  -10.651 22.167  1.00 3.20 ? 22 U A "O5'"  1 
ATOM 684  C "C5'"  . U A 1 22 ? -0.827  -10.656 21.252  1.00 3.35 ? 22 U A "C5'"  1 
ATOM 685  C "C4'"  . U A 1 22 ? -1.262  -11.083 19.856  1.00 3.49 ? 22 U A "C4'"  1 
ATOM 686  O "O4'"  . U A 1 22 ? -2.135  -10.079 19.300  1.00 3.56 ? 22 U A "O4'"  1 
ATOM 687  C "C3'"  . U A 1 22 ? -0.120  -11.225 18.846  1.00 3.25 ? 22 U A "C3'"  1 
ATOM 688  O "O3'"  . U A 1 22 ? -0.502  -12.253 17.921  1.00 3.75 ? 22 U A "O3'"  1 
ATOM 689  C "C2'"  . U A 1 22 ? -0.143  -9.901  18.099  1.00 3.13 ? 22 U A "C2'"  1 
ATOM 690  O "O2'"  . U A 1 22 ? 0.415   -10.040 16.788  1.00 3.41 ? 22 U A "O2'"  1 
ATOM 691  C "C1'"  . U A 1 22 ? -1.640  -9.641  18.031  1.00 3.53 ? 22 U A "C1'"  1 
ATOM 692  N N1     . U A 1 22 ? -1.964  -8.211  17.833  1.00 3.59 ? 22 U A N1     1 
ATOM 693  C C2     . U A 1 22 ? -2.418  -7.836  16.582  1.00 4.30 ? 22 U A C2     1 
ATOM 694  O O2     . U A 1 22 ? -2.589  -8.642  15.674  1.00 4.78 ? 22 U A O2     1 
ATOM 695  N N3     . U A 1 22 ? -2.674  -6.497  16.403  1.00 4.60 ? 22 U A N3     1 
ATOM 696  C C4     . U A 1 22 ? -2.520  -5.508  17.348  1.00 4.23 ? 22 U A C4     1 
ATOM 697  O O4     . U A 1 22 ? -2.778  -4.343  17.062  1.00 4.70 ? 22 U A O4     1 
ATOM 698  C C5     . U A 1 22 ? -2.049  -5.968  18.632  1.00 3.44 ? 22 U A C5     1 
ATOM 699  C C6     . U A 1 22 ? -1.792  -7.283  18.836  1.00 3.18 ? 22 U A C6     1 
ATOM 700  H "H5'"  . U A 1 22 ? -0.067  -11.349 21.615  1.00 3.65 ? 22 U A "H5'"  1 
ATOM 701  H "H5''" . U A 1 22 ? -0.400  -9.654  21.200  1.00 3.50 ? 22 U A "H5''" 1 
ATOM 702  H "H4'"  . U A 1 22 ? -1.813  -12.021 19.934  1.00 4.02 ? 22 U A "H4'"  1 
ATOM 703  H "H3'"  . U A 1 22 ? 0.841   -11.441 19.313  1.00 3.12 ? 22 U A "H3'"  1 
ATOM 704  H "H2'"  . U A 1 22 ? 0.366   -9.122  18.667  1.00 2.89 ? 22 U A "H2'"  1 
ATOM 705  H "HO2'" . U A 1 22 ? -0.002  -10.807 16.381  1.00 3.61 ? 22 U A "HO2'" 1 
ATOM 706  H "H1'"  . U A 1 22 ? -2.102  -10.232 17.239  1.00 4.02 ? 22 U A "H1'"  1 
ATOM 707  H H3     . U A 1 22 ? -3.009  -6.214  15.496  1.00 5.25 ? 22 U A H3     1 
ATOM 708  H H5     . U A 1 22 ? -1.910  -5.256  19.446  1.00 3.22 ? 22 U A H5     1 
ATOM 709  H H6     . U A 1 22 ? -1.471  -7.613  19.830  1.00 2.86 ? 22 U A H6     1 
ATOM 710  P P      . C A 1 23 ? 0.579   -13.328 17.392  1.00 3.77 ? 23 C A P      1 
ATOM 711  O OP1    . C A 1 23 ? -0.149  -14.431 16.727  1.00 4.38 ? 23 C A OP1    1 
ATOM 712  O OP2    . C A 1 23 ? 1.513   -13.628 18.502  1.00 3.79 ? 23 C A OP2    1 
ATOM 713  O "O5'"  . C A 1 23 ? 1.384   -12.488 16.272  1.00 3.55 ? 23 C A "O5'"  1 
ATOM 714  C "C5'"  . C A 1 23 ? 1.377   -12.874 14.887  1.00 3.24 ? 23 C A "C5'"  1 
ATOM 715  C "C4'"  . C A 1 23 ? -0.040  -12.996 14.327  1.00 3.12 ? 23 C A "C4'"  1 
ATOM 716  O "O4'"  . C A 1 23 ? -0.753  -11.769 14.566  1.00 3.43 ? 23 C A "O4'"  1 
ATOM 717  C "C3'"  . C A 1 23 ? -0.113  -13.203 12.815  1.00 2.44 ? 23 C A "C3'"  1 
ATOM 718  O "O3'"  . C A 1 23 ? -1.353  -13.874 12.540  1.00 2.71 ? 23 C A "O3'"  1 
ATOM 719  C "C2'"  . C A 1 23 ? -0.228  -11.779 12.289  1.00 2.41 ? 23 C A "C2'"  1 
ATOM 720  O "O2'"  . C A 1 23 ? -0.809  -11.757 10.980  1.00 2.43 ? 23 C A "O2'"  1 
ATOM 721  C "C1'"  . C A 1 23 ? -1.174  -11.186 13.324  1.00 3.17 ? 23 C A "C1'"  1 
ATOM 722  N N1     . C A 1 23 ? -1.069  -9.716  13.430  1.00 3.71 ? 23 C A N1     1 
ATOM 723  C C2     . C A 1 23 ? -2.008  -8.950  12.753  1.00 4.44 ? 23 C A C2     1 
ATOM 724  O O2     . C A 1 23 ? -2.877  -9.490  12.074  1.00 4.53 ? 23 C A O2     1 
ATOM 725  N N3     . C A 1 23 ? -1.942  -7.594  12.858  1.00 5.21 ? 23 C A N3     1 
ATOM 726  C C4     . C A 1 23 ? -0.993  -7.013  13.598  1.00 5.15 ? 23 C A C4     1 
ATOM 727  N N4     . C A 1 23 ? -0.995  -5.687  13.672  1.00 5.99 ? 23 C A N4     1 
ATOM 728  C C5     . C A 1 23 ? -0.021  -7.793  14.297  1.00 4.35 ? 23 C A C5     1 
ATOM 729  C C6     . C A 1 23 ? -0.094  -9.132  14.187  1.00 3.71 ? 23 C A C6     1 
ATOM 730  H "H5'"  . C A 1 23 ? 1.884   -13.833 14.782  1.00 3.55 ? 23 C A "H5'"  1 
ATOM 731  H "H5''" . C A 1 23 ? 1.920   -12.123 14.312  1.00 3.34 ? 23 C A "H5''" 1 
ATOM 732  H "H4'"  . C A 1 23 ? -0.553  -13.807 14.846  1.00 3.70 ? 23 C A "H4'"  1 
ATOM 733  H "H3'"  . C A 1 23 ? 0.741   -13.748 12.411  1.00 2.42 ? 23 C A "H3'"  1 
ATOM 734  H "H2'"  . C A 1 23 ? 0.740   -11.276 12.306  1.00 2.46 ? 23 C A "H2'"  1 
ATOM 735  H "HO2'" . C A 1 23 ? -1.744  -11.960 11.077  1.00 2.53 ? 23 C A "HO2'" 1 
ATOM 736  H "H1'"  . C A 1 23 ? -2.208  -11.467 13.121  1.00 3.53 ? 23 C A "H1'"  1 
ATOM 737  H H41    . C A 1 23 ? -1.641  -5.150  13.111  1.00 6.65 ? 23 C A H41    1 
ATOM 738  H H42    . C A 1 23 ? -0.351  -5.214  14.289  1.00 6.00 ? 23 C A H42    1 
ATOM 739  H H5     . C A 1 23 ? 0.758   -7.328  14.900  1.00 4.38 ? 23 C A H5     1 
ATOM 740  H H6     . C A 1 23 ? 0.629   -9.756  14.712  1.00 3.36 ? 23 C A H6     1 
ATOM 741  P P      . A A 1 24 ? -1.548  -14.748 11.198  1.00 2.97 ? 24 A A P      1 
ATOM 742  O OP1    . A A 1 24 ? -2.313  -15.967 11.548  1.00 3.65 ? 24 A A OP1    1 
ATOM 743  O OP2    . A A 1 24 ? -0.236  -14.873 10.524  1.00 3.30 ? 24 A A OP2    1 
ATOM 744  O "O5'"  . A A 1 24 ? -2.492  -13.804 10.298  1.00 2.78 ? 24 A A "O5'"  1 
ATOM 745  C "C5'"  . A A 1 24 ? -2.757  -14.126 8.927   1.00 2.68 ? 24 A A "C5'"  1 
ATOM 746  C "C4'"  . A A 1 24 ? -3.645  -13.077 8.265   1.00 2.63 ? 24 A A "C4'"  1 
ATOM 747  O "O4'"  . A A 1 24 ? -2.966  -11.808 8.282   1.00 2.47 ? 24 A A "O4'"  1 
ATOM 748  C "C3'"  . A A 1 24 ? -3.943  -13.331 6.791   1.00 2.49 ? 24 A A "C3'"  1 
ATOM 749  O "O3'"  . A A 1 24 ? -5.133  -12.593 6.473   1.00 2.83 ? 24 A A "O3'"  1 
ATOM 750  C "C2'"  . A A 1 24 ? -2.769  -12.653 6.101   1.00 1.98 ? 24 A A "C2'"  1 
ATOM 751  O "O2'"  . A A 1 24 ? -3.080  -12.332 4.740   1.00 1.91 ? 24 A A "O2'"  1 
ATOM 752  C "C1'"  . A A 1 24 ? -2.637  -11.393 6.947   1.00 2.13 ? 24 A A "C1'"  1 
ATOM 753  N N9     . A A 1 24 ? -1.265  -10.852 6.943   1.00 2.23 ? 24 A A N9     1 
ATOM 754  C C8     . A A 1 24 ? -0.198  -11.213 7.727   1.00 2.45 ? 24 A A C8     1 
ATOM 755  N N7     . A A 1 24 ? 0.894   -10.548 7.461   1.00 2.95 ? 24 A A N7     1 
ATOM 756  C C5     . A A 1 24 ? 0.517   -9.689  6.433   1.00 3.05 ? 24 A A C5     1 
ATOM 757  C C6     . A A 1 24 ? 1.216   -8.717  5.699   1.00 3.70 ? 24 A A C6     1 
ATOM 758  N N6     . A A 1 24 ? 2.498   -8.422  5.896   1.00 4.37 ? 24 A A N6     1 
ATOM 759  N N1     . A A 1 24 ? 0.546   -8.046  4.751   1.00 3.74 ? 24 A A N1     1 
ATOM 760  C C2     . A A 1 24 ? -0.736  -8.326  4.548   1.00 3.19 ? 24 A A C2     1 
ATOM 761  N N3     . A A 1 24 ? -1.504  -9.211  5.165   1.00 2.62 ? 24 A A N3     1 
ATOM 762  C C4     . A A 1 24 ? -0.798  -9.866  6.110   1.00 2.56 ? 24 A A C4     1 
ATOM 763  H "H5'"  . A A 1 24 ? -3.255  -15.095 8.878   1.00 3.17 ? 24 A A "H5'"  1 
ATOM 764  H "H5''" . A A 1 24 ? -1.812  -14.184 8.387   1.00 2.70 ? 24 A A "H5''" 1 
ATOM 765  H "H4'"  . A A 1 24 ? -4.571  -12.990 8.833   1.00 3.12 ? 24 A A "H4'"  1 
ATOM 766  H "H3'"  . A A 1 24 ? -4.043  -14.389 6.546   1.00 2.79 ? 24 A A "H3'"  1 
ATOM 767  H "H2'"  . A A 1 24 ? -1.870  -13.267 6.169   1.00 2.05 ? 24 A A "H2'"  1 
ATOM 768  H "HO2'" . A A 1 24 ? -3.737  -11.628 4.754   1.00 2.38 ? 24 A A "HO2'" 1 
ATOM 769  H "H1'"  . A A 1 24 ? -3.337  -10.623 6.621   1.00 2.37 ? 24 A A "H1'"  1 
ATOM 770  H H8     . A A 1 24 ? -0.257  -11.980 8.499   1.00 2.42 ? 24 A A H8     1 
ATOM 771  H H61    . A A 1 24 ? 2.942   -7.707  5.339   1.00 4.89 ? 24 A A H61    1 
ATOM 772  H H62    . A A 1 24 ? 3.025   -8.913  6.604   1.00 4.42 ? 24 A A H62    1 
ATOM 773  H H2     . A A 1 24 ? -1.225  -7.744  3.765   1.00 3.34 ? 24 A A H2     1 
ATOM 774  P P      . A A 1 25 ? -5.954  -12.879 5.114   1.00 3.31 ? 25 A A P      1 
ATOM 775  O OP1    . A A 1 25 ? -7.399  -12.780 5.418   1.00 4.16 ? 25 A A OP1    1 
ATOM 776  O OP2    . A A 1 25 ? -5.416  -14.110 4.490   1.00 3.47 ? 25 A A OP2    1 
ATOM 777  O "O5'"  . A A 1 25 ? -5.545  -11.620 4.196   1.00 3.09 ? 25 A A "O5'"  1 
ATOM 778  C "C5'"  . A A 1 25 ? -5.489  -11.733 2.769   1.00 2.95 ? 25 A A "C5'"  1 
ATOM 779  C "C4'"  . A A 1 25 ? -5.201  -10.388 2.113   1.00 2.61 ? 25 A A "C4'"  1 
ATOM 780  O "O4'"  . A A 1 25 ? -3.922  -9.908  2.567   1.00 2.00 ? 25 A A "O4'"  1 
ATOM 781  C "C3'"  . A A 1 25 ? -5.089  -10.430 0.589   1.00 2.58 ? 25 A A "C3'"  1 
ATOM 782  O "O3'"  . A A 1 25 ? -5.458  -9.131  0.101   1.00 2.77 ? 25 A A "O3'"  1 
ATOM 783  C "C2'"  . A A 1 25 ? -3.597  -10.594 0.356   1.00 1.92 ? 25 A A "C2'"  1 
ATOM 784  O "O2'"  . A A 1 25 ? -3.226  -10.105 -0.932  1.00 1.84 ? 25 A A "O2'"  1 
ATOM 785  C "C1'"  . A A 1 25 ? -3.043  -9.700  1.456   1.00 1.64 ? 25 A A "C1'"  1 
ATOM 786  N N9     . A A 1 25 ? -1.672  -10.071 1.855   1.00 1.78 ? 25 A A N9     1 
ATOM 787  C C8     . A A 1 25 ? -1.270  -11.008 2.774   1.00 2.04 ? 25 A A C8     1 
ATOM 788  N N7     . A A 1 25 ? 0.027   -11.093 2.899   1.00 2.73 ? 25 A A N7     1 
ATOM 789  C C5     . A A 1 25 ? 0.510   -10.146 2.000   1.00 2.95 ? 25 A A C5     1 
ATOM 790  C C6     . A A 1 25 ? 1.808   -9.738  1.650   1.00 3.84 ? 25 A A C6     1 
ATOM 791  N N6     . A A 1 25 ? 2.911   -10.252 2.186   1.00 4.66 ? 25 A A N6     1 
ATOM 792  N N1     . A A 1 25 ? 1.933   -8.778  0.724   1.00 3.94 ? 25 A A N1     1 
ATOM 793  C C2     . A A 1 25 ? 0.840   -8.257  0.183   1.00 3.22 ? 25 A A C2     1 
ATOM 794  N N3     . A A 1 25 ? -0.429  -8.549  0.424   1.00 2.40 ? 25 A A N3     1 
ATOM 795  C C4     . A A 1 25 ? -0.518  -9.519  1.359   1.00 2.30 ? 25 A A C4     1 
ATOM 796  H "H5'"  . A A 1 25 ? -6.444  -12.112 2.402   1.00 3.59 ? 25 A A "H5'"  1 
ATOM 797  H "H5''" . A A 1 25 ? -4.700  -12.438 2.499   1.00 2.78 ? 25 A A "H5''" 1 
ATOM 798  H "H4'"  . A A 1 25 ? -5.970  -9.678  2.417   1.00 3.14 ? 25 A A "H4'"  1 
ATOM 799  H "H3'"  . A A 1 25 ? -5.689  -11.218 0.133   1.00 3.17 ? 25 A A "H3'"  1 
ATOM 800  H "H2'"  . A A 1 25 ? -3.287  -11.628 0.491   1.00 2.25 ? 25 A A "H2'"  1 
ATOM 801  H "HO2'" . A A 1 25 ? -3.467  -9.175  -0.960  1.00 1.61 ? 25 A A "HO2'" 1 
ATOM 802  H "H1'"  . A A 1 25 ? -3.068  -8.651  1.161   1.00 1.82 ? 25 A A "H1'"  1 
ATOM 803  H H8     . A A 1 25 ? -1.967  -11.622 3.346   1.00 1.94 ? 25 A A H8     1 
ATOM 804  H H61    . A A 1 25 ? 3.816   -9.915  1.894   1.00 5.32 ? 25 A A H61    1 
ATOM 805  H H62    . A A 1 25 ? 2.843   -10.977 2.885   1.00 4.66 ? 25 A A H62    1 
ATOM 806  H H2     . A A 1 25 ? 1.009   -7.480  -0.562  1.00 3.42 ? 25 A A H2     1 
ATOM 807  P P      . A A 1 26 ? -6.179  -8.963  -1.332  1.00 3.29 ? 26 A A P      1 
ATOM 808  O OP1    . A A 1 26 ? -7.448  -9.723  -1.304  1.00 4.11 ? 26 A A OP1    1 
ATOM 809  O OP2    . A A 1 26 ? -5.181  -9.236  -2.392  1.00 3.69 ? 26 A A OP2    1 
ATOM 810  O "O5'"  . A A 1 26 ? -6.535  -7.391  -1.365  1.00 2.69 ? 26 A A "O5'"  1 
ATOM 811  C "C5'"  . A A 1 26 ? -6.039  -6.544  -2.411  1.00 2.44 ? 26 A A "C5'"  1 
ATOM 812  C "C4'"  . A A 1 26 ? -4.883  -5.669  -1.932  1.00 1.97 ? 26 A A "C4'"  1 
ATOM 813  O "O4'"  . A A 1 26 ? -3.760  -6.504  -1.584  1.00 1.99 ? 26 A A "O4'"  1 
ATOM 814  C "C3'"  . A A 1 26 ? -4.344  -4.701  -2.988  1.00 1.94 ? 26 A A "C3'"  1 
ATOM 815  O "O3'"  . A A 1 26 ? -3.804  -3.564  -2.295  1.00 2.00 ? 26 A A "O3'"  1 
ATOM 816  C "C2'"  . A A 1 26 ? -3.175  -5.465  -3.588  1.00 2.10 ? 26 A A "C2'"  1 
ATOM 817  O "O2'"  . A A 1 26 ? -2.226  -4.573  -4.177  1.00 2.83 ? 26 A A "O2'"  1 
ATOM 818  C "C1'"  . A A 1 26 ? -2.605  -6.118  -2.341  1.00 2.10 ? 26 A A "C1'"  1 
ATOM 819  N N9     . A A 1 26 ? -1.791  -7.310  -2.649  1.00 2.56 ? 26 A A N9     1 
ATOM 820  C C8     . A A 1 26 ? -2.187  -8.618  -2.764  1.00 2.44 ? 26 A A C8     1 
ATOM 821  N N7     . A A 1 26 ? -1.214  -9.434  -3.070  1.00 3.10 ? 26 A A N7     1 
ATOM 822  C C5     . A A 1 26 ? -0.103  -8.604  -3.161  1.00 3.78 ? 26 A A C5     1 
ATOM 823  C C6     . A A 1 26 ? 1.248   -8.850  -3.455  1.00 4.81 ? 26 A A C6     1 
ATOM 824  N N6     . A A 1 26 ? 1.735   -10.058 -3.727  1.00 5.26 ? 26 A A N6     1 
ATOM 825  N N1     . A A 1 26 ? 2.089   -7.805  -3.463  1.00 5.46 ? 26 A A N1     1 
ATOM 826  C C2     . A A 1 26 ? 1.613   -6.594  -3.193  1.00 5.09 ? 26 A A C2     1 
ATOM 827  N N3     . A A 1 26 ? 0.374   -6.231  -2.903  1.00 4.12 ? 26 A A N3     1 
ATOM 828  C C4     . A A 1 26 ? -0.443  -7.308  -2.905  1.00 3.48 ? 26 A A C4     1 
ATOM 829  H "H5'"  . A A 1 26 ? -6.848  -5.902  -2.758  1.00 2.95 ? 26 A A "H5'"  1 
ATOM 830  H "H5''" . A A 1 26 ? -5.696  -7.163  -3.239  1.00 2.76 ? 26 A A "H5''" 1 
ATOM 831  H "H4'"  . A A 1 26 ? -5.202  -5.122  -1.045  1.00 2.37 ? 26 A A "H4'"  1 
ATOM 832  H "H3'"  . A A 1 26 ? -5.093  -4.407  -3.724  1.00 2.43 ? 26 A A "H3'"  1 
ATOM 833  H "H2'"  . A A 1 26 ? -3.521  -6.215  -4.301  1.00 2.26 ? 26 A A "H2'"  1 
ATOM 834  H "HO2'" . A A 1 26 ? -1.905  -3.996  -3.474  1.00 2.83 ? 26 A A "HO2'" 1 
ATOM 835  H "H1'"  . A A 1 26 ? -2.011  -5.408  -1.762  1.00 2.49 ? 26 A A "H1'"  1 
ATOM 836  H H8     . A A 1 26 ? -3.213  -8.950  -2.601  1.00 2.11 ? 26 A A H8     1 
ATOM 837  H H61    . A A 1 26 ? 2.716   -10.171 -3.933  1.00 6.04 ? 26 A A H61    1 
ATOM 838  H H62    . A A 1 26 ? 1.122   -10.860 -3.728  1.00 4.88 ? 26 A A H62    1 
ATOM 839  H H2     . A A 1 26 ? 2.346   -5.787  -3.216  1.00 5.72 ? 26 A A H2     1 
ATOM 840  P P      . G A 1 27 ? -3.974  -2.072  -2.889  1.00 2.46 ? 27 G A P      1 
ATOM 841  O OP1    . G A 1 27 ? -2.902  -1.219  -2.327  1.00 2.95 ? 27 G A OP1    1 
ATOM 842  O OP2    . G A 1 27 ? -5.390  -1.668  -2.723  1.00 3.18 ? 27 G A OP2    1 
ATOM 843  O "O5'"  . G A 1 27 ? -3.679  -2.270  -4.463  1.00 2.03 ? 27 G A "O5'"  1 
ATOM 844  C "C5'"  . G A 1 27 ? -4.752  -2.500  -5.387  1.00 1.91 ? 27 G A "C5'"  1 
ATOM 845  C "C4'"  . G A 1 27 ? -4.885  -1.363  -6.396  1.00 1.79 ? 27 G A "C4'"  1 
ATOM 846  O "O4'"  . G A 1 27 ? -4.867  -0.106  -5.710  1.00 1.86 ? 27 G A "O4'"  1 
ATOM 847  C "C3'"  . G A 1 27 ? -3.740  -1.224  -7.379  1.00 1.68 ? 27 G A "C3'"  1 
ATOM 848  O "O3'"  . G A 1 27 ? -3.999  -2.107  -8.481  1.00 1.70 ? 27 G A "O3'"  1 
ATOM 849  C "C2'"  . G A 1 27 ? -3.939  0.201   -7.872  1.00 1.66 ? 27 G A "C2'"  1 
ATOM 850  O "O2'"  . G A 1 27 ? -5.004  0.271   -8.826  1.00 1.78 ? 27 G A "O2'"  1 
ATOM 851  C "C1'"  . G A 1 27 ? -4.332  0.916   -6.575  1.00 1.75 ? 27 G A "C1'"  1 
ATOM 852  N N9     . G A 1 27 ? -3.172  1.560   -5.924  1.00 1.71 ? 27 G A N9     1 
ATOM 853  C C8     . G A 1 27 ? -2.395  1.103   -4.889  1.00 1.79 ? 27 G A C8     1 
ATOM 854  N N7     . G A 1 27 ? -1.421  1.913   -4.569  1.00 1.81 ? 27 G A N7     1 
ATOM 855  C C5     . G A 1 27 ? -1.566  2.978   -5.455  1.00 1.71 ? 27 G A C5     1 
ATOM 856  C C6     . G A 1 27 ? -0.800  4.171   -5.596  1.00 1.73 ? 27 G A C6     1 
ATOM 857  O O6     . G A 1 27 ? 0.194   4.532   -4.961  1.00 1.82 ? 27 G A O6     1 
ATOM 858  N N1     . G A 1 27 ? -1.294  4.971   -6.610  1.00 1.70 ? 27 G A N1     1 
ATOM 859  C C2     . G A 1 27 ? -2.378  4.676   -7.393  1.00 1.68 ? 27 G A C2     1 
ATOM 860  N N2     . G A 1 27 ? -2.706  5.562   -8.322  1.00 1.76 ? 27 G A N2     1 
ATOM 861  N N3     . G A 1 27 ? -3.102  3.570   -7.275  1.00 1.67 ? 27 G A N3     1 
ATOM 862  C C4     . G A 1 27 ? -2.639  2.768   -6.287  1.00 1.67 ? 27 G A C4     1 
ATOM 863  H "H5'"  . G A 1 27 ? -5.687  -2.589  -4.833  1.00 2.02 ? 27 G A "H5'"  1 
ATOM 864  H "H5''" . G A 1 27 ? -4.567  -3.431  -5.923  1.00 1.88 ? 27 G A "H5''" 1 
ATOM 865  H "H4'"  . G A 1 27 ? -5.833  -1.467  -6.924  1.00 1.83 ? 27 G A "H4'"  1 
ATOM 866  H "H3'"  . G A 1 27 ? -2.760  -1.395  -6.932  1.00 1.69 ? 27 G A "H3'"  1 
ATOM 867  H "H2'"  . G A 1 27 ? -3.017  0.610   -8.281  1.00 1.62 ? 27 G A "H2'"  1 
ATOM 868  H "HO2'" . G A 1 27 ? -4.747  0.918   -9.490  1.00 2.00 ? 27 G A "HO2'" 1 
ATOM 869  H "H1'"  . G A 1 27 ? -5.100  1.666   -6.764  1.00 1.84 ? 27 G A "H1'"  1 
ATOM 870  H H8     . G A 1 27 ? -2.572  0.154   -4.383  1.00 1.88 ? 27 G A H8     1 
ATOM 871  H H1     . G A 1 27 ? -0.821  5.841   -6.779  1.00 1.75 ? 27 G A H1     1 
ATOM 872  H H21    . G A 1 27 ? -2.196  6.428   -8.399  1.00 1.81 ? 27 G A H21    1 
ATOM 873  H H22    . G A 1 27 ? -3.468  5.365   -8.955  1.00 1.81 ? 27 G A H22    1 
ATOM 874  P P      . G A 1 28 ? -2.857  -2.418  -9.578  1.00 1.73 ? 28 G A P      1 
ATOM 875  O OP1    . G A 1 28 ? -3.405  -3.388  -10.555 1.00 1.91 ? 28 G A OP1    1 
ATOM 876  O OP2    . G A 1 28 ? -1.597  -2.726  -8.866  1.00 1.76 ? 28 G A OP2    1 
ATOM 877  O "O5'"  . G A 1 28 ? -2.678  -1.000  -10.326 1.00 1.71 ? 28 G A "O5'"  1 
ATOM 878  C "C5'"  . G A 1 28 ? -3.702  -0.500  -11.195 1.00 1.82 ? 28 G A "C5'"  1 
ATOM 879  C "C4'"  . G A 1 28 ? -3.401  0.918   -11.678 1.00 1.87 ? 28 G A "C4'"  1 
ATOM 880  O "O4'"  . G A 1 28 ? -3.196  1.781   -10.556 1.00 1.76 ? 28 G A "O4'"  1 
ATOM 881  C "C3'"  . G A 1 28 ? -2.115  1.078   -12.462 1.00 1.90 ? 28 G A "C3'"  1 
ATOM 882  O "O3'"  . G A 1 28 ? -2.400  0.756   -13.832 1.00 2.13 ? 28 G A "O3'"  1 
ATOM 883  C "C2'"  . G A 1 28 ? -1.886  2.581   -12.372 1.00 1.90 ? 28 G A "C2'"  1 
ATOM 884  O "O2'"  . G A 1 28 ? -2.708  3.280   -13.313 1.00 2.12 ? 28 G A "O2'"  1 
ATOM 885  C "C1'"  . G A 1 28 ? -2.341  2.879   -10.937 1.00 1.75 ? 28 G A "C1'"  1 
ATOM 886  N N9     . G A 1 28 ? -1.207  2.968   -9.997  1.00 1.57 ? 28 G A N9     1 
ATOM 887  C C8     . G A 1 28 ? -0.750  2.034   -9.101  1.00 1.56 ? 28 G A C8     1 
ATOM 888  N N7     . G A 1 28 ? 0.281   2.434   -8.408  1.00 1.49 ? 28 G A N7     1 
ATOM 889  C C5     . G A 1 28 ? 0.523   3.720   -8.878  1.00 1.40 ? 28 G A C5     1 
ATOM 890  C C6     . G A 1 28 ? 1.521   4.663   -8.500  1.00 1.34 ? 28 G A C6     1 
ATOM 891  O O6     . G A 1 28 ? 2.403   4.551   -7.655  1.00 1.38 ? 28 G A O6     1 
ATOM 892  N N1     . G A 1 28 ? 1.410   5.836   -9.221  1.00 1.33 ? 28 G A N1     1 
ATOM 893  C C2     . G A 1 28 ? 0.467   6.084   -10.183 1.00 1.42 ? 28 G A C2     1 
ATOM 894  N N2     . G A 1 28 ? 0.511   7.265   -10.778 1.00 1.51 ? 28 G A N2     1 
ATOM 895  N N3     . G A 1 28 ? -0.473  5.216   -10.547 1.00 1.51 ? 28 G A N3     1 
ATOM 896  C C4     . G A 1 28 ? -0.384  4.057   -9.853  1.00 1.46 ? 28 G A C4     1 
ATOM 897  H "H5'"  . G A 1 28 ? -4.652  -0.495  -10.659 1.00 1.83 ? 28 G A "H5'"  1 
ATOM 898  H "H5''" . G A 1 28 ? -3.786  -1.157  -12.060 1.00 1.95 ? 28 G A "H5''" 1 
ATOM 899  H "H4'"  . G A 1 28 ? -4.250  1.282   -12.257 1.00 2.01 ? 28 G A "H4'"  1 
ATOM 900  H "H3'"  . G A 1 28 ? -1.287  0.491   -12.063 1.00 1.83 ? 28 G A "H3'"  1 
ATOM 901  H "H2'"  . G A 1 28 ? -0.836  2.828   -12.508 1.00 1.89 ? 28 G A "H2'"  1 
ATOM 902  H "HO2'" . G A 1 28 ? -2.143  3.913   -13.770 1.00 2.14 ? 28 G A "HO2'" 1 
ATOM 903  H "H1'"  . G A 1 28 ? -2.913  3.806   -10.899 1.00 1.83 ? 28 G A "H1'"  1 
ATOM 904  H H8     . G A 1 28 ? -1.201  1.049   -8.985  1.00 1.66 ? 28 G A H8     1 
ATOM 905  H H1     . G A 1 28 ? 2.079   6.561   -9.018  1.00 1.32 ? 28 G A H1     1 
ATOM 906  H H21    . G A 1 28 ? 1.198   7.948   -10.496 1.00 1.48 ? 28 G A H21    1 
ATOM 907  H H22    . G A 1 28 ? -0.143  7.481   -11.516 1.00 1.64 ? 28 G A H22    1 
ATOM 908  P P      . C A 1 29 ? -1.208  0.558   -14.900 1.00 2.20 ? 29 C A P      1 
ATOM 909  O OP1    . C A 1 29 ? -1.788  0.004   -16.145 1.00 2.55 ? 29 C A OP1    1 
ATOM 910  O OP2    . C A 1 29 ? -0.095  -0.151  -14.227 1.00 2.02 ? 29 C A OP2    1 
ATOM 911  O "O5'"  . C A 1 29 ? -0.732  2.070   -15.192 1.00 2.12 ? 29 C A "O5'"  1 
ATOM 912  C "C5'"  . C A 1 29 ? -1.596  2.994   -15.867 1.00 2.32 ? 29 C A "C5'"  1 
ATOM 913  C "C4'"  . C A 1 29 ? -1.031  4.411   -15.849 1.00 2.18 ? 29 C A "C4'"  1 
ATOM 914  O "O4'"  . C A 1 29 ? -0.802  4.817   -14.492 1.00 1.99 ? 29 C A "O4'"  1 
ATOM 915  C "C3'"  . C A 1 29 ? 0.330   4.565   -16.499 1.00 2.04 ? 29 C A "C3'"  1 
ATOM 916  O "O3'"  . C A 1 29 ? 0.113   4.832   -17.892 1.00 2.27 ? 29 C A "O3'"  1 
ATOM 917  C "C2'"  . C A 1 29 ? 0.842   5.843   -15.855 1.00 1.89 ? 29 C A "C2'"  1 
ATOM 918  O "O2'"  . C A 1 29 ? 0.214   6.992   -16.435 1.00 2.10 ? 29 C A "O2'"  1 
ATOM 919  C "C1'"  . C A 1 29 ? 0.375   5.646   -14.410 1.00 1.81 ? 29 C A "C1'"  1 
ATOM 920  N N1     . C A 1 29 ? 1.388   4.958   -13.576 1.00 1.57 ? 29 C A N1     1 
ATOM 921  C C2     . C A 1 29 ? 2.329   5.742   -12.926 1.00 1.43 ? 29 C A C2     1 
ATOM 922  O O2     . C A 1 29 ? 2.321   6.963   -13.057 1.00 1.54 ? 29 C A O2     1 
ATOM 923  N N3     . C A 1 29 ? 3.263   5.132   -12.146 1.00 1.27 ? 29 C A N3     1 
ATOM 924  C C4     . C A 1 29 ? 3.271   3.802   -12.008 1.00 1.27 ? 29 C A C4     1 
ATOM 925  N N4     . C A 1 29 ? 4.206   3.267   -11.229 1.00 1.21 ? 29 C A N4     1 
ATOM 926  C C5     . C A 1 29 ? 2.305   2.985   -12.675 1.00 1.45 ? 29 C A C5     1 
ATOM 927  C C6     . C A 1 29 ? 1.389   3.599   -13.444 1.00 1.59 ? 29 C A C6     1 
ATOM 928  H "H5'"  . C A 1 29 ? -2.570  2.994   -15.378 1.00 2.43 ? 29 C A "H5'"  1 
ATOM 929  H "H5''" . C A 1 29 ? -1.719  2.674   -16.903 1.00 2.53 ? 29 C A "H5''" 1 
ATOM 930  H "H4'"  . C A 1 29 ? -1.753  5.088   -16.306 1.00 2.37 ? 29 C A "H4'"  1 
ATOM 931  H "H3'"  . C A 1 29 ? 0.988   3.709   -16.341 1.00 1.95 ? 29 C A "H3'"  1 
ATOM 932  H "H2'"  . C A 1 29 ? 1.925   5.913   -15.913 1.00 1.74 ? 29 C A "H2'"  1 
ATOM 933  H "HO2'" . C A 1 29 ? 0.411   6.978   -17.374 1.00 2.14 ? 29 C A "HO2'" 1 
ATOM 934  H "H1'"  . C A 1 29 ? 0.114   6.600   -13.951 1.00 1.86 ? 29 C A "H1'"  1 
ATOM 935  H H41    . C A 1 29 ? 4.893   3.862   -10.782 1.00 1.16 ? 29 C A H41    1 
ATOM 936  H H42    . C A 1 29 ? 4.230   2.269   -11.080 1.00 1.29 ? 29 C A H42    1 
ATOM 937  H H5     . C A 1 29 ? 2.304   1.901   -12.569 1.00 1.56 ? 29 C A H5     1 
ATOM 938  H H6     . C A 1 29 ? 0.640   3.006   -13.970 1.00 1.79 ? 29 C A H6     1 
ATOM 939  P P      . C A 1 30 ? 1.177   4.343   -19.001 1.00 2.28 ? 30 C A P      1 
ATOM 940  O OP1    . C A 1 30 ? 0.535   4.433   -20.331 1.00 2.60 ? 30 C A OP1    1 
ATOM 941  O OP2    . C A 1 30 ? 1.763   3.062   -18.547 1.00 2.21 ? 30 C A OP2    1 
ATOM 942  O "O5'"  . C A 1 30 ? 2.321   5.473   -18.909 1.00 2.07 ? 30 C A "O5'"  1 
ATOM 943  C "C5'"  . C A 1 30 ? 2.109   6.779   -19.461 1.00 2.13 ? 30 C A "C5'"  1 
ATOM 944  C "C4'"  . C A 1 30 ? 3.201   7.753   -19.030 1.00 1.90 ? 30 C A "C4'"  1 
ATOM 945  O "O4'"  . C A 1 30 ? 3.226   7.836   -17.598 1.00 1.75 ? 30 C A "O4'"  1 
ATOM 946  C "C3'"  . C A 1 30 ? 4.614   7.331   -19.387 1.00 1.80 ? 30 C A "C3'"  1 
ATOM 947  O "O3'"  . C A 1 30 ? 4.898   7.843   -20.697 1.00 1.96 ? 30 C A "O3'"  1 
ATOM 948  C "C2'"  . C A 1 30 ? 5.439   8.123   -18.387 1.00 1.63 ? 30 C A "C2'"  1 
ATOM 949  O "O2'"  . C A 1 30 ? 5.541   9.494   -18.783 1.00 1.77 ? 30 C A "O2'"  1 
ATOM 950  C "C1'"  . C A 1 30 ? 4.579   7.987   -17.128 1.00 1.54 ? 30 C A "C1'"  1 
ATOM 951  N N1     . C A 1 30 ? 4.935   6.797   -16.321 1.00 1.39 ? 30 C A N1     1 
ATOM 952  C C2     . C A 1 30 ? 5.874   6.958   -15.313 1.00 1.25 ? 30 C A C2     1 
ATOM 953  O O2     . C A 1 30 ? 6.391   8.052   -15.114 1.00 1.33 ? 30 C A O2     1 
ATOM 954  N N3     . C A 1 30 ? 6.209   5.880   -14.552 1.00 1.15 ? 30 C A N3     1 
ATOM 955  C C4     . C A 1 30 ? 5.644   4.688   -14.775 1.00 1.25 ? 30 C A C4     1 
ATOM 956  N N4     . C A 1 30 ? 6.013   3.675   -13.997 1.00 1.25 ? 30 C A N4     1 
ATOM 957  C C5     . C A 1 30 ? 4.677   4.512   -15.812 1.00 1.46 ? 30 C A C5     1 
ATOM 958  C C6     . C A 1 30 ? 4.353   5.585   -16.556 1.00 1.50 ? 30 C A C6     1 
ATOM 959  H "H5'"  . C A 1 30 ? 1.144   7.158   -19.126 1.00 2.26 ? 30 C A "H5'"  1 
ATOM 960  H "H5''" . C A 1 30 ? 2.107   6.709   -20.548 1.00 2.30 ? 30 C A "H5''" 1 
ATOM 961  H "H4'"  . C A 1 30 ? 2.980   8.740   -19.440 1.00 2.00 ? 30 C A "H4'"  1 
ATOM 962  H "H3'"  . C A 1 30 ? 4.774   6.254   -19.323 1.00 1.82 ? 30 C A "H3'"  1 
ATOM 963  H "H2'"  . C A 1 30 ? 6.422   7.679   -18.243 1.00 1.59 ? 30 C A "H2'"  1 
ATOM 964  H "HO2'" . C A 1 30 ? 5.992   9.512   -19.630 1.00 1.80 ? 30 C A "HO2'" 1 
ATOM 965  H "H1'"  . C A 1 30 ? 4.650   8.880   -16.508 1.00 1.58 ? 30 C A "H1'"  1 
ATOM 966  H H41    . C A 1 30 ? 6.708   3.818   -13.275 1.00 1.16 ? 30 C A H41    1 
ATOM 967  H H42    . C A 1 30 ? 5.601   2.762   -14.127 1.00 1.42 ? 30 C A H42    1 
ATOM 968  H H5     . C A 1 30 ? 4.211   3.545   -16.000 1.00 1.65 ? 30 C A H5     1 
ATOM 969  H H6     . C A 1 30 ? 3.617   5.485   -17.354 1.00 1.69 ? 30 C A H6     1 
ATOM 970  P P      . C A 1 31 ? 5.819   7.010   -21.726 1.00 2.06 ? 31 C A P      1 
ATOM 971  O OP1    . C A 1 31 ? 5.642   7.586   -23.078 1.00 2.30 ? 31 C A OP1    1 
ATOM 972  O OP2    . C A 1 31 ? 5.578   5.567   -21.500 1.00 2.12 ? 31 C A OP2    1 
ATOM 973  O "O5'"  . C A 1 31 ? 7.310   7.354   -21.219 1.00 1.91 ? 31 C A "O5'"  1 
ATOM 974  C "C5'"  . C A 1 31 ? 7.886   8.646   -21.452 1.00 1.95 ? 31 C A "C5'"  1 
ATOM 975  C "C4'"  . C A 1 31 ? 9.046   8.928   -20.502 1.00 1.92 ? 31 C A "C4'"  1 
ATOM 976  O "O4'"  . C A 1 31 ? 8.593   8.787   -19.148 1.00 1.75 ? 31 C A "O4'"  1 
ATOM 977  C "C3'"  . C A 1 31 ? 10.205  7.949   -20.589 1.00 2.02 ? 31 C A "C3'"  1 
ATOM 978  O "O3'"  . C A 1 31 ? 11.116  8.441   -21.581 1.00 2.27 ? 31 C A "O3'"  1 
ATOM 979  C "C2'"  . C A 1 31 ? 10.864  8.130   -19.233 1.00 1.97 ? 31 C A "C2'"  1 
ATOM 980  O "O2'"  . C A 1 31 ? 11.621  9.344   -19.199 1.00 2.17 ? 31 C A "O2'"  1 
ATOM 981  C "C1'"  . C A 1 31 ? 9.637   8.232   -18.324 1.00 1.75 ? 31 C A "C1'"  1 
ATOM 982  N N1     . C A 1 31 ? 9.201   6.913   -17.820 1.00 1.61 ? 31 C A N1     1 
ATOM 983  C C2     . C A 1 31 ? 9.727   6.480   -16.613 1.00 1.54 ? 31 C A C2     1 
ATOM 984  O O2     . C A 1 31 ? 10.518  7.185   -15.993 1.00 1.62 ? 31 C A O2     1 
ATOM 985  N N3     . C A 1 31 ? 9.353   5.265   -16.133 1.00 1.49 ? 31 C A N3     1 
ATOM 986  C C4     . C A 1 31 ? 8.491   4.501   -16.815 1.00 1.53 ? 31 C A C4     1 
ATOM 987  N N4     . C A 1 31 ? 8.172   3.320   -16.297 1.00 1.58 ? 31 C A N4     1 
ATOM 988  C C5     . C A 1 31 ? 7.942   4.937   -18.059 1.00 1.61 ? 31 C A C5     1 
ATOM 989  C C6     . C A 1 31 ? 8.321   6.142   -18.522 1.00 1.63 ? 31 C A C6     1 
ATOM 990  H "H5'"  . C A 1 31 ? 7.120   9.409   -21.310 1.00 1.93 ? 31 C A "H5'"  1 
ATOM 991  H "H5''" . C A 1 31 ? 8.250   8.694   -22.479 1.00 2.12 ? 31 C A "H5''" 1 
ATOM 992  H "H4'"  . C A 1 31 ? 9.394   9.949   -20.656 1.00 2.04 ? 31 C A "H4'"  1 
ATOM 993  H "H3'"  . C A 1 31 ? 9.894   6.922   -20.785 1.00 2.01 ? 31 C A "H3'"  1 
ATOM 994  H "H2'"  . C A 1 31 ? 11.481  7.271   -18.970 1.00 2.00 ? 31 C A "H2'"  1 
ATOM 995  H "HO2'" . C A 1 31 ? 11.869  9.548   -20.105 1.00 2.31 ? 31 C A "HO2'" 1 
ATOM 996  H "H1'"  . C A 1 31 ? 9.828   8.900   -17.483 1.00 1.78 ? 31 C A "H1'"  1 
ATOM 997  H H41    . C A 1 31 ? 8.605   3.011   -15.436 1.00 1.57 ? 31 C A H41    1 
ATOM 998  H H42    . C A 1 31 ? 7.503   2.726   -16.767 1.00 1.67 ? 31 C A H42    1 
ATOM 999  H H5     . C A 1 31 ? 7.239   4.323   -18.621 1.00 1.72 ? 31 C A H5     1 
ATOM 1000 H H6     . C A 1 31 ? 7.919   6.506   -19.469 1.00 1.75 ? 31 C A H6     1 
ATOM 1001 P P      . G A 1 32 ? 12.082  7.432   -22.388 1.00 1.71 ? 32 G A P      1 
ATOM 1002 O OP1    . G A 1 32 ? 12.931  8.231   -23.300 1.00 1.12 ? 32 G A OP1    1 
ATOM 1003 O OP2    . G A 1 32 ? 11.254  6.329   -22.927 1.00 1.17 ? 32 G A OP2    1 
ATOM 1004 O "O5'"  . G A 1 32 ? 13.021  6.830   -21.224 1.00 1.63 ? 32 G A "O5'"  1 
ATOM 1005 C "C5'"  . G A 1 32 ? 13.932  7.672   -20.505 1.00 1.05 ? 32 G A "C5'"  1 
ATOM 1006 C "C4'"  . G A 1 32 ? 14.783  6.874   -19.520 1.00 1.24 ? 32 G A "C4'"  1 
ATOM 1007 O "O4'"  . G A 1 32 ? 13.914  6.160   -18.624 1.00 1.03 ? 32 G A "O4'"  1 
ATOM 1008 C "C3'"  . G A 1 32 ? 15.666  5.799   -20.158 1.00 1.84 ? 32 G A "C3'"  1 
ATOM 1009 O "O3'"  . G A 1 32 ? 16.811  5.541   -19.338 1.00 1.70 ? 32 G A "O3'"  1 
ATOM 1010 C "C2'"  . G A 1 32 ? 14.734  4.597   -20.164 1.00 1.02 ? 32 G A "C2'"  1 
ATOM 1011 O "O2'"  . G A 1 32 ? 15.479  3.374   -20.233 1.00 1.89 ? 32 G A "O2'"  1 
ATOM 1012 C "C1'"  . G A 1 32 ? 14.058  4.748   -18.810 1.00 1.56 ? 32 G A "C1'"  1 
ATOM 1013 N N9     . G A 1 32 ? 12.723  4.123   -18.770 1.00 1.58 ? 32 G A N9     1 
ATOM 1014 C C8     . G A 1 32 ? 11.572  4.519   -19.401 1.00 1.22 ? 32 G A C8     1 
ATOM 1015 N N7     . G A 1 32 ? 10.550  3.745   -19.163 1.00 1.78 ? 32 G A N7     1 
ATOM 1016 C C5     . G A 1 32 ? 11.062  2.766   -18.316 1.00 1.50 ? 32 G A C5     1 
ATOM 1017 C C6     . G A 1 32 ? 10.420  1.645   -17.719 1.00 1.49 ? 32 G A C6     1 
ATOM 1018 O O6     . G A 1 32 ? 9.251   1.286   -17.826 1.00 1.93 ? 32 G A O6     1 
ATOM 1019 N N1     . G A 1 32 ? 11.295  0.915   -16.937 1.00 1.15 ? 32 G A N1     1 
ATOM 1020 C C2     . G A 1 32 ? 12.620  1.215   -16.747 1.00 1.00 ? 32 G A C2     1 
ATOM 1021 N N2     . G A 1 32 ? 13.314  0.404   -15.962 1.00 1.88 ? 32 G A N2     1 
ATOM 1022 N N3     . G A 1 32 ? 13.234  2.258   -17.298 1.00 1.17 ? 32 G A N3     1 
ATOM 1023 C C4     . G A 1 32 ? 12.394  2.990   -18.069 1.00 1.39 ? 32 G A C4     1 
ATOM 1024 H "H5'"  . G A 1 32 ? 13.365  8.423   -19.956 1.00 1.53 ? 32 G A "H5'"  1 
ATOM 1025 H "H5''" . G A 1 32 ? 14.590  8.173   -21.216 1.00 1.47 ? 32 G A "H5''" 1 
ATOM 1026 H "H4'"  . G A 1 32 ? 15.390  7.569   -18.939 1.00 1.72 ? 32 G A "H4'"  1 
ATOM 1027 H "H3'"  . G A 1 32 ? 15.960  6.080   -21.170 1.00 1.96 ? 32 G A "H3'"  1 
ATOM 1028 H "HO3'" . G A 1 32 ? 17.065  4.625   -19.487 1.00 1.92 ? 32 G A "HO3'" 1 
ATOM 1029 H "H2'"  . G A 1 32 ? 14.010  4.668   -20.972 1.00 1.21 ? 32 G A "H2'"  1 
ATOM 1030 H "HO2'" . G A 1 32 ? 14.862  2.654   -20.079 1.00 1.07 ? 32 G A "HO2'" 1 
ATOM 1031 H "H1'"  . G A 1 32 ? 14.678  4.338   -18.016 1.00 1.09 ? 32 G A "H1'"  1 
ATOM 1032 H H8     . G A 1 32 ? 11.517  5.398   -20.044 1.00 1.80 ? 32 G A H8     1 
ATOM 1033 H H1     . G A 1 32 ? 10.922  0.105   -16.469 1.00 1.91 ? 32 G A H1     1 
ATOM 1034 H H21    . G A 1 32 ? 12.863  -0.382  -15.521 1.00 1.56 ? 32 G A H21    1 
ATOM 1035 H H22    . G A 1 32 ? 14.296  0.578   -15.805 1.00 1.94 ? 32 G A H22    1 
# 
